data_4KGQ
#
_entry.id   4KGQ
#
_cell.length_a   149.269
_cell.length_b   149.269
_cell.length_c   149.269
_cell.angle_alpha   90.00
_cell.angle_beta   90.00
_cell.angle_gamma   90.00
#
_symmetry.space_group_name_H-M   'P 21 3'
#
loop_
_entity.id
_entity.type
_entity.pdbx_description
1 polymer 'Tumor necrosis factor receptor superfamily member 6B'
2 polymer 'Tumor necrosis factor ligand superfamily member 14'
3 branched alpha-D-mannopyranose-(1-3)-beta-D-mannopyranose-(1-4)-2-acetamido-2-deoxy-beta-D-glucopyranose-(1-4)-2-acetamido-2-deoxy-beta-D-glucopyranose
4 branched 2-acetamido-2-deoxy-beta-D-glucopyranose-(1-4)-2-acetamido-2-deoxy-beta-D-glucopyranose
5 non-polymer 'MAGNESIUM ION'
6 water water
#
loop_
_entity_poly.entity_id
_entity_poly.type
_entity_poly.pdbx_seq_one_letter_code
_entity_poly.pdbx_strand_id
1 'polypeptide(L)'
;VAETPTYPWRDAETGERLVCAQCPPGTFVQRPCRRDSPTTCGPCPPRHYTQFWNYLERCRYCNVLCGEREEEARACHATH
NRACRCRTGFFAHAGFCLEHASCPPGAGVIAPGTPSQNTQCQPCPPGTFSASSSSSEQCQPHRNCTALGLALNVPGSSSH
DTLCTSTGHHHHHH
;
C,D
2 'polypeptide(L)'
;LIQERRSHEVNPAAHLTGANSSLTGSGGPLLWETQLGLAFLRGLSYHDGALVVTKAGYYYIYSKVQLGGVGCPLGLASTI
THGLYKRTPRYPEELELLVSQQSPCGRATSSSRVWWDSSFLGGVVHLEAGEEVVVRVLDERLVDYTKEDRSYFGAFMV
;
A,B
#
loop_
_chem_comp.id
_chem_comp.type
_chem_comp.name
_chem_comp.formula
BMA D-saccharide, beta linking beta-D-mannopyranose 'C6 H12 O6'
MAN D-saccharide, alpha linking alpha-D-mannopyranose 'C6 H12 O6'
MG non-polymer 'MAGNESIUM ION' 'Mg 2'
NAG D-saccharide, beta linking 2-acetamido-2-deoxy-beta-D-glucopyranose 'C8 H15 N O6'
#
# COMPACT_ATOMS: atom_id res chain seq x y z
N THR A 4 -11.68 12.04 43.21
CA THR A 4 -11.82 10.56 43.41
C THR A 4 -13.26 10.23 43.07
N PRO A 5 -13.52 9.50 41.97
CA PRO A 5 -14.89 9.17 41.57
C PRO A 5 -15.51 8.18 42.50
N THR A 6 -16.84 8.20 42.56
CA THR A 6 -17.51 7.41 43.62
C THR A 6 -18.69 6.65 43.06
N TYR A 7 -19.31 5.81 43.88
CA TYR A 7 -20.53 5.20 43.55
C TYR A 7 -21.35 5.02 44.80
N PRO A 8 -22.66 4.92 44.62
CA PRO A 8 -23.55 4.84 45.80
C PRO A 8 -23.75 3.44 46.30
N TRP A 9 -23.97 3.32 47.57
CA TRP A 9 -24.11 2.02 48.14
C TRP A 9 -25.00 2.17 49.39
N ARG A 10 -25.18 1.08 50.14
CA ARG A 10 -26.05 1.09 51.29
C ARG A 10 -25.37 0.24 52.33
N ASP A 11 -25.28 0.75 53.57
CA ASP A 11 -24.83 -0.11 54.65
C ASP A 11 -25.86 -1.17 54.98
N ALA A 12 -25.44 -2.44 55.14
CA ALA A 12 -26.42 -3.54 55.24
C ALA A 12 -26.97 -3.70 56.64
N GLU A 13 -26.19 -3.27 57.63
CA GLU A 13 -26.63 -3.31 59.00
C GLU A 13 -27.64 -2.22 59.31
N THR A 14 -27.36 -1.00 58.87
CA THR A 14 -28.22 0.10 59.17
C THR A 14 -29.19 0.51 58.07
N GLY A 15 -28.84 0.32 56.79
CA GLY A 15 -29.62 0.79 55.68
C GLY A 15 -29.17 2.23 55.30
N GLU A 16 -28.17 2.78 55.95
CA GLU A 16 -27.79 4.14 55.66
C GLU A 16 -27.18 4.24 54.26
N ARG A 17 -27.32 5.37 53.61
CA ARG A 17 -26.77 5.59 52.32
C ARG A 17 -25.31 5.85 52.45
N LEU A 18 -24.54 5.25 51.54
CA LEU A 18 -23.12 5.49 51.50
C LEU A 18 -22.64 6.02 50.18
N VAL A 19 -21.45 6.60 50.23
CA VAL A 19 -20.80 7.17 49.05
C VAL A 19 -19.45 6.50 49.08
N CYS A 20 -19.24 5.49 48.20
CA CYS A 20 -18.03 4.67 48.20
C CYS A 20 -17.09 5.16 47.10
N ALA A 21 -15.80 5.07 47.39
CA ALA A 21 -14.77 5.42 46.43
C ALA A 21 -14.79 4.40 45.31
N GLN A 22 -14.69 4.83 44.07
CA GLN A 22 -14.37 3.87 43.01
C GLN A 22 -12.89 3.41 43.24
N CYS A 23 -12.35 2.60 42.32
CA CYS A 23 -11.07 1.92 42.44
C CYS A 23 -10.22 2.26 41.22
N PRO A 24 -8.89 2.50 41.43
CA PRO A 24 -8.11 3.09 40.34
C PRO A 24 -7.64 2.03 39.35
N PRO A 25 -7.18 2.46 38.16
CA PRO A 25 -6.57 1.56 37.16
C PRO A 25 -5.73 0.54 37.81
N GLY A 26 -5.83 -0.69 37.38
CA GLY A 26 -5.04 -1.72 38.03
C GLY A 26 -5.69 -2.39 39.16
N THR A 27 -6.83 -1.88 39.59
CA THR A 27 -7.55 -2.52 40.70
C THR A 27 -9.05 -2.65 40.37
N PHE A 28 -9.74 -3.39 41.24
CA PHE A 28 -11.15 -3.61 41.16
C PHE A 28 -11.68 -3.66 42.59
N VAL A 29 -13.01 -3.57 42.72
CA VAL A 29 -13.67 -3.59 44.02
C VAL A 29 -13.74 -4.98 44.50
N GLN A 30 -12.88 -5.30 45.42
CA GLN A 30 -12.94 -6.57 46.13
C GLN A 30 -14.00 -6.56 47.21
N ARG A 31 -14.23 -5.39 47.84
CA ARG A 31 -15.25 -5.26 48.91
C ARG A 31 -15.74 -3.82 48.89
N PRO A 32 -17.04 -3.59 48.85
CA PRO A 32 -17.56 -2.22 48.79
C PRO A 32 -17.35 -1.53 50.10
N CYS A 33 -17.46 -0.22 50.12
CA CYS A 33 -17.38 0.49 51.40
C CYS A 33 -18.50 0.10 52.40
N ARG A 34 -18.21 0.42 53.66
CA ARG A 34 -19.18 0.31 54.75
C ARG A 34 -19.19 1.69 55.45
N ARG A 35 -20.10 1.90 56.41
CA ARG A 35 -20.13 3.20 57.16
C ARG A 35 -18.79 3.49 57.86
N ASP A 36 -18.15 2.43 58.35
CA ASP A 36 -16.86 2.47 59.06
C ASP A 36 -15.57 2.05 58.29
N SER A 37 -15.64 1.64 57.01
CA SER A 37 -14.39 1.42 56.15
C SER A 37 -14.52 1.76 54.66
N PRO A 38 -13.41 2.17 54.04
CA PRO A 38 -13.48 2.56 52.63
C PRO A 38 -13.59 1.34 51.67
N THR A 39 -13.70 1.61 50.36
CA THR A 39 -13.88 0.45 49.52
C THR A 39 -12.52 -0.25 49.55
N THR A 40 -12.52 -1.57 49.72
CA THR A 40 -11.31 -2.36 49.49
C THR A 40 -11.08 -2.67 47.98
N CYS A 41 -10.05 -2.05 47.41
CA CYS A 41 -9.58 -2.22 46.06
C CYS A 41 -8.53 -3.31 46.02
N GLY A 42 -8.80 -4.36 45.27
CA GLY A 42 -7.92 -5.47 45.05
C GLY A 42 -7.10 -5.20 43.78
N PRO A 43 -5.90 -5.75 43.72
CA PRO A 43 -5.06 -5.62 42.53
C PRO A 43 -5.51 -6.62 41.46
N CYS A 44 -5.46 -6.25 40.20
CA CYS A 44 -5.99 -7.22 39.23
C CYS A 44 -5.07 -8.39 39.15
N PRO A 45 -5.58 -9.62 39.15
CA PRO A 45 -4.77 -10.79 39.00
C PRO A 45 -4.17 -10.93 37.58
N PRO A 46 -3.19 -11.83 37.40
CA PRO A 46 -2.60 -12.09 36.09
C PRO A 46 -3.66 -12.37 34.99
N ARG A 47 -3.42 -11.87 33.79
CA ARG A 47 -4.27 -12.07 32.66
C ARG A 47 -5.51 -11.16 32.70
N HIS A 48 -5.54 -10.22 33.61
CA HIS A 48 -6.65 -9.30 33.74
C HIS A 48 -6.15 -7.90 33.98
N TYR A 49 -6.95 -6.88 33.62
CA TYR A 49 -6.63 -5.51 33.77
C TYR A 49 -7.88 -4.63 34.02
N THR A 50 -7.66 -3.44 34.57
CA THR A 50 -8.55 -2.33 34.49
C THR A 50 -7.72 -1.14 34.05
N GLN A 51 -8.11 -0.50 32.97
CA GLN A 51 -7.41 0.66 32.45
C GLN A 51 -7.98 2.01 33.01
N PHE A 52 -9.16 2.00 33.63
CA PHE A 52 -9.78 3.22 34.15
C PHE A 52 -10.21 3.04 35.58
N TRP A 53 -10.53 4.17 36.18
CA TRP A 53 -11.18 4.15 37.48
C TRP A 53 -12.50 3.38 37.30
N ASN A 54 -12.90 2.54 38.24
CA ASN A 54 -13.99 1.67 37.97
C ASN A 54 -14.59 1.14 39.26
N TYR A 55 -15.77 0.50 39.17
CA TYR A 55 -16.32 -0.25 40.26
C TYR A 55 -16.78 -1.58 39.79
N LEU A 56 -15.91 -2.18 39.00
CA LEU A 56 -16.07 -3.55 38.63
C LEU A 56 -15.79 -4.45 39.82
N GLU A 57 -16.42 -5.59 39.88
CA GLU A 57 -16.16 -6.59 40.87
C GLU A 57 -15.21 -7.66 40.34
N ARG A 58 -14.90 -7.65 39.06
CA ARG A 58 -13.86 -8.51 38.45
C ARG A 58 -13.24 -7.69 37.35
N CYS A 59 -11.94 -7.79 37.22
CA CYS A 59 -11.20 -7.08 36.22
C CYS A 59 -11.51 -7.66 34.87
N ARG A 60 -11.23 -6.93 33.82
CA ARG A 60 -11.44 -7.42 32.49
C ARG A 60 -10.32 -8.41 32.14
N TYR A 61 -10.66 -9.29 31.21
CA TYR A 61 -9.80 -10.31 30.77
C TYR A 61 -8.89 -9.72 29.68
N CYS A 62 -7.58 -10.02 29.75
CA CYS A 62 -6.65 -9.65 28.65
C CYS A 62 -6.85 -10.59 27.48
N ASN A 63 -7.71 -10.16 26.57
CA ASN A 63 -8.18 -11.00 25.50
C ASN A 63 -7.55 -10.77 24.17
N VAL A 64 -6.63 -9.82 24.06
CA VAL A 64 -5.87 -9.60 22.81
C VAL A 64 -4.78 -10.69 22.74
N LEU A 65 -4.98 -11.65 21.84
CA LEU A 65 -4.00 -12.70 21.55
C LEU A 65 -3.21 -12.39 20.28
N CYS A 66 -1.91 -12.63 20.36
CA CYS A 66 -1.02 -12.38 19.21
C CYS A 66 -1.03 -13.59 18.25
N GLY A 67 -1.26 -13.40 16.95
CA GLY A 67 -1.15 -14.51 15.95
C GLY A 67 0.29 -15.01 15.76
N GLU A 68 0.48 -16.02 14.91
CA GLU A 68 1.86 -16.52 14.66
C GLU A 68 2.75 -15.49 13.92
N ARG A 69 2.18 -14.54 13.17
CA ARG A 69 2.96 -13.50 12.52
C ARG A 69 3.06 -12.20 13.31
N GLU A 70 2.78 -12.27 14.62
CA GLU A 70 2.70 -11.06 15.46
C GLU A 70 3.53 -11.27 16.67
N GLU A 71 3.79 -10.19 17.41
CA GLU A 71 4.43 -10.32 18.70
C GLU A 71 3.88 -9.21 19.57
N GLU A 72 4.06 -9.31 20.88
CA GLU A 72 3.58 -8.24 21.81
C GLU A 72 4.24 -6.92 21.58
N ALA A 73 3.44 -5.93 21.23
CA ALA A 73 3.84 -4.54 21.44
C ALA A 73 3.70 -4.09 22.91
N ARG A 74 2.76 -4.67 23.66
CA ARG A 74 2.67 -4.41 25.12
C ARG A 74 2.15 -5.63 25.75
N ALA A 75 2.66 -5.92 26.91
CA ALA A 75 2.25 -7.08 27.62
C ALA A 75 0.87 -6.81 28.31
N CYS A 76 0.21 -7.88 28.70
CA CYS A 76 -0.96 -7.78 29.50
C CYS A 76 -0.36 -7.18 30.75
N HIS A 77 -0.92 -6.06 31.19
CA HIS A 77 -0.61 -5.49 32.47
C HIS A 77 -1.95 -5.20 33.26
N ALA A 78 -1.87 -5.14 34.58
CA ALA A 78 -3.03 -4.78 35.44
C ALA A 78 -3.75 -3.50 35.06
N THR A 79 -2.98 -2.63 34.45
CA THR A 79 -3.49 -1.41 33.83
C THR A 79 -3.89 -1.42 32.39
N HIS A 80 -3.50 -2.42 31.61
CA HIS A 80 -3.89 -2.43 30.21
C HIS A 80 -3.91 -3.80 29.62
N ASN A 81 -4.65 -3.93 28.55
CA ASN A 81 -4.74 -5.19 27.88
C ASN A 81 -3.40 -5.34 27.13
N ARG A 82 -3.11 -6.56 26.73
CA ARG A 82 -2.07 -6.84 25.77
C ARG A 82 -2.33 -6.14 24.45
N ALA A 83 -1.29 -5.91 23.69
CA ALA A 83 -1.40 -5.41 22.30
C ALA A 83 -0.25 -6.00 21.43
N CYS A 84 -0.50 -6.06 20.14
CA CYS A 84 0.26 -6.89 19.24
C CYS A 84 0.67 -6.03 18.05
N ARG A 85 1.82 -6.37 17.47
CA ARG A 85 2.22 -5.79 16.18
C ARG A 85 2.79 -6.90 15.31
N CYS A 86 2.79 -6.65 14.02
CA CYS A 86 3.45 -7.58 13.09
C CYS A 86 4.98 -7.73 13.44
N ARG A 87 5.44 -8.98 13.45
CA ARG A 87 6.85 -9.34 13.58
C ARG A 87 7.63 -8.79 12.40
N THR A 88 8.95 -8.67 12.60
CA THR A 88 9.90 -8.32 11.51
C THR A 88 9.60 -9.05 10.17
N GLY A 89 9.55 -8.30 9.10
CA GLY A 89 9.30 -8.85 7.76
C GLY A 89 7.85 -8.75 7.32
N PHE A 90 6.98 -8.31 8.25
CA PHE A 90 5.55 -8.26 7.97
C PHE A 90 4.99 -6.88 8.26
N PHE A 91 4.00 -6.46 7.47
CA PHE A 91 3.24 -5.26 7.79
C PHE A 91 1.75 -5.53 7.94
N ALA A 92 1.07 -4.62 8.62
CA ALA A 92 -0.36 -4.78 8.99
C ALA A 92 -1.21 -4.19 7.97
N HIS A 93 -2.18 -4.96 7.55
CA HIS A 93 -3.13 -4.50 6.61
C HIS A 93 -4.41 -5.32 6.79
N ALA A 94 -5.54 -4.61 6.93
CA ALA A 94 -6.87 -5.18 7.01
C ALA A 94 -6.97 -6.27 8.07
N GLY A 95 -6.44 -6.00 9.26
CA GLY A 95 -6.29 -7.03 10.32
C GLY A 95 -5.41 -8.24 10.02
N PHE A 96 -4.69 -8.23 8.90
CA PHE A 96 -3.61 -9.20 8.68
C PHE A 96 -2.19 -8.68 8.73
N CYS A 97 -1.27 -9.63 8.89
CA CYS A 97 0.13 -9.41 8.80
C CYS A 97 0.65 -9.98 7.46
N LEU A 98 0.84 -9.09 6.48
CA LEU A 98 1.41 -9.49 5.15
C LEU A 98 2.94 -9.29 4.99
N GLU A 99 3.53 -10.16 4.16
CA GLU A 99 4.96 -10.11 3.78
C GLU A 99 5.30 -8.79 3.10
N HIS A 100 6.36 -8.17 3.53
CA HIS A 100 6.78 -6.92 2.83
C HIS A 100 7.08 -7.26 1.37
N ALA A 101 6.52 -6.52 0.44
CA ALA A 101 6.81 -6.73 -0.96
C ALA A 101 8.30 -6.48 -1.29
N SER A 102 8.71 -7.07 -2.41
CA SER A 102 10.01 -6.81 -3.02
C SER A 102 9.82 -5.82 -4.14
N CYS A 103 10.82 -4.97 -4.39
CA CYS A 103 10.82 -4.02 -5.58
C CYS A 103 11.52 -4.76 -6.69
N PRO A 104 10.89 -4.84 -7.84
CA PRO A 104 11.54 -5.72 -8.80
C PRO A 104 12.79 -5.05 -9.48
N PRO A 105 13.42 -5.75 -10.45
CA PRO A 105 14.50 -5.18 -11.23
C PRO A 105 13.98 -4.01 -11.91
N GLY A 106 14.75 -2.93 -11.96
CA GLY A 106 14.22 -1.73 -12.56
C GLY A 106 13.68 -0.77 -11.53
N ALA A 107 13.61 -1.20 -10.27
CA ALA A 107 13.05 -0.36 -9.28
C ALA A 107 13.68 -0.63 -7.98
N GLY A 108 13.63 0.39 -7.12
CA GLY A 108 14.34 0.26 -5.86
C GLY A 108 13.58 0.80 -4.69
N VAL A 109 13.99 0.33 -3.54
CA VAL A 109 13.42 0.72 -2.24
C VAL A 109 13.72 2.17 -1.91
N ILE A 110 12.69 2.92 -1.57
CA ILE A 110 12.82 4.29 -1.01
C ILE A 110 12.43 4.38 0.47
N ALA A 111 11.61 3.43 0.98
CA ALA A 111 11.51 3.21 2.44
C ALA A 111 11.39 1.74 2.81
N PRO A 112 12.19 1.26 3.75
CA PRO A 112 12.02 -0.14 4.06
C PRO A 112 10.61 -0.44 4.71
N GLY A 113 10.22 -1.71 4.73
CA GLY A 113 8.96 -2.08 5.32
C GLY A 113 9.09 -1.93 6.80
N THR A 114 7.96 -1.68 7.45
CA THR A 114 7.84 -1.66 8.92
C THR A 114 6.61 -2.51 9.35
N PRO A 115 6.37 -2.63 10.68
CA PRO A 115 5.15 -3.34 11.11
C PRO A 115 3.91 -2.62 10.66
N SER A 116 4.01 -1.34 10.32
CA SER A 116 2.85 -0.52 9.93
C SER A 116 2.72 -0.35 8.44
N GLN A 117 3.83 -0.38 7.70
CA GLN A 117 3.72 -0.14 6.25
C GLN A 117 4.53 -1.09 5.40
N ASN A 118 4.05 -1.23 4.18
CA ASN A 118 4.70 -2.08 3.21
C ASN A 118 5.97 -1.37 2.66
N THR A 119 6.91 -2.14 2.15
CA THR A 119 8.03 -1.59 1.40
C THR A 119 7.57 -0.54 0.45
N GLN A 120 8.20 0.64 0.44
CA GLN A 120 7.96 1.55 -0.73
C GLN A 120 9.08 1.47 -1.86
N CYS A 121 8.69 1.73 -3.12
CA CYS A 121 9.41 1.40 -4.33
C CYS A 121 9.29 2.56 -5.24
N GLN A 122 10.37 2.85 -6.00
CA GLN A 122 10.23 3.75 -7.21
C GLN A 122 10.93 3.14 -8.41
N PRO A 123 10.52 3.54 -9.59
CA PRO A 123 11.27 3.17 -10.77
C PRO A 123 12.65 3.85 -10.75
N CYS A 124 13.73 3.12 -11.03
CA CYS A 124 15.06 3.71 -10.85
C CYS A 124 15.17 4.95 -11.76
N PRO A 125 15.55 6.08 -11.21
CA PRO A 125 15.70 7.23 -12.10
C PRO A 125 16.99 7.08 -12.97
N PRO A 126 17.09 7.87 -14.05
CA PRO A 126 18.20 7.96 -14.98
C PRO A 126 19.52 7.99 -14.29
N GLY A 127 20.45 7.15 -14.74
CA GLY A 127 21.74 7.11 -14.03
C GLY A 127 21.87 6.12 -12.93
N THR A 128 20.76 5.44 -12.60
CA THR A 128 20.75 4.44 -11.51
C THR A 128 20.07 3.13 -11.95
N PHE A 129 20.27 2.11 -11.17
CA PHE A 129 19.78 0.85 -11.49
C PHE A 129 19.58 0.02 -10.27
N SER A 130 18.72 -0.95 -10.46
CA SER A 130 18.59 -2.11 -9.61
C SER A 130 18.43 -3.36 -10.46
N ALA A 131 19.29 -4.33 -10.25
CA ALA A 131 19.29 -5.48 -11.07
C ALA A 131 18.39 -6.56 -10.53
N SER A 132 17.90 -6.40 -9.30
CA SER A 132 17.32 -7.47 -8.49
C SER A 132 15.92 -7.17 -7.95
N SER A 133 15.21 -8.25 -7.65
CA SER A 133 13.91 -8.23 -6.97
C SER A 133 14.29 -8.26 -5.52
N SER A 134 14.04 -7.14 -4.82
CA SER A 134 14.55 -7.09 -3.42
C SER A 134 13.79 -6.13 -2.60
N SER A 135 13.72 -6.43 -1.30
CA SER A 135 12.91 -5.64 -0.37
C SER A 135 13.86 -4.85 0.50
N SER A 136 15.18 -5.03 0.33
CA SER A 136 16.15 -4.03 0.78
C SER A 136 16.90 -3.21 -0.29
N GLU A 137 17.06 -3.68 -1.54
CA GLU A 137 18.01 -3.01 -2.45
C GLU A 137 17.45 -1.70 -3.04
N GLN A 138 18.24 -0.63 -2.91
CA GLN A 138 17.91 0.67 -3.46
C GLN A 138 18.46 0.82 -4.86
N CYS A 139 17.94 1.77 -5.58
CA CYS A 139 18.53 2.18 -6.83
C CYS A 139 19.96 2.70 -6.54
N GLN A 140 20.97 2.11 -7.17
CA GLN A 140 22.40 2.48 -7.01
C GLN A 140 22.90 3.19 -8.29
N PRO A 141 23.85 4.15 -8.14
CA PRO A 141 24.26 4.88 -9.37
C PRO A 141 25.03 4.00 -10.35
N HIS A 142 24.80 4.22 -11.66
CA HIS A 142 25.59 3.33 -12.60
C HIS A 142 27.13 3.51 -12.37
N ARG A 143 27.91 2.44 -12.51
CA ARG A 143 29.30 2.55 -12.75
C ARG A 143 29.61 3.68 -13.76
N ASN A 144 30.54 4.53 -13.33
CA ASN A 144 30.79 5.76 -14.04
C ASN A 144 32.14 5.70 -14.77
N CYS A 145 32.05 5.30 -16.02
CA CYS A 145 33.23 5.06 -16.87
C CYS A 145 34.10 6.33 -16.96
N THR A 146 33.49 7.47 -17.11
CA THR A 146 34.29 8.67 -17.21
C THR A 146 35.07 8.92 -15.90
N ALA A 147 34.47 8.71 -14.75
CA ALA A 147 35.19 8.93 -13.50
C ALA A 147 36.26 7.92 -13.31
N LEU A 148 36.20 6.77 -14.01
CA LEU A 148 37.17 5.77 -13.82
C LEU A 148 38.28 5.92 -14.84
N GLY A 149 38.16 6.85 -15.79
CA GLY A 149 39.10 7.00 -16.90
C GLY A 149 39.05 5.82 -17.88
N LEU A 150 37.95 5.08 -17.88
CA LEU A 150 37.86 3.84 -18.72
C LEU A 150 36.93 4.02 -19.90
N ALA A 151 37.04 3.21 -20.94
CA ALA A 151 36.11 3.37 -22.07
C ALA A 151 34.76 2.76 -21.71
N LEU A 152 33.73 3.34 -22.24
CA LEU A 152 32.36 2.77 -22.19
C LEU A 152 32.32 1.52 -23.01
N ASN A 153 31.90 0.42 -22.43
CA ASN A 153 31.74 -0.79 -23.20
C ASN A 153 30.23 -1.03 -23.54
N VAL A 154 29.39 -1.22 -22.51
CA VAL A 154 27.91 -1.26 -22.73
C VAL A 154 27.08 -0.39 -21.83
N PRO A 155 26.22 0.47 -22.41
CA PRO A 155 25.50 1.40 -21.62
C PRO A 155 24.58 0.61 -20.69
N GLY A 156 24.34 1.13 -19.51
CA GLY A 156 23.41 0.55 -18.53
C GLY A 156 21.92 0.92 -18.73
N SER A 157 21.09 0.40 -17.87
CA SER A 157 19.70 0.76 -17.93
C SER A 157 19.20 0.90 -16.54
N SER A 158 17.88 0.94 -16.39
CA SER A 158 17.31 1.01 -15.05
C SER A 158 17.40 -0.31 -14.34
N SER A 159 17.72 -1.38 -15.05
CA SER A 159 17.80 -2.70 -14.38
C SER A 159 19.14 -3.43 -14.57
N HIS A 160 20.13 -2.76 -15.16
CA HIS A 160 21.50 -3.34 -15.35
C HIS A 160 22.55 -2.22 -15.30
N ASP A 161 23.69 -2.52 -14.73
CA ASP A 161 24.77 -1.53 -14.53
C ASP A 161 25.49 -1.28 -15.86
N THR A 162 25.94 -0.09 -16.07
CA THR A 162 26.88 0.18 -17.18
C THR A 162 28.15 -0.68 -17.05
N LEU A 163 28.63 -1.20 -18.18
CA LEU A 163 29.92 -1.92 -18.30
C LEU A 163 30.97 -1.04 -18.95
N CYS A 164 32.16 -1.04 -18.38
CA CYS A 164 33.30 -0.28 -18.94
C CYS A 164 34.28 -1.29 -19.43
N THR A 165 35.12 -0.99 -20.37
CA THR A 165 36.25 -1.91 -20.57
C THR A 165 37.22 -1.75 -19.37
N SER A 166 38.43 -2.31 -19.52
CA SER A 166 39.44 -2.24 -18.47
C SER A 166 40.56 -1.25 -18.75
N THR A 167 40.48 -0.49 -19.85
CA THR A 167 41.44 0.51 -20.21
C THR A 167 40.80 1.73 -20.85
N GLY A 168 41.58 2.79 -21.06
CA GLY A 168 41.10 3.93 -21.85
C GLY A 168 41.16 3.64 -23.33
N HIS A 169 41.01 4.73 -24.10
CA HIS A 169 41.07 4.70 -25.59
C HIS A 169 42.41 5.12 -26.19
N HIS A 170 43.21 5.90 -25.40
CA HIS A 170 44.56 6.58 -25.69
C HIS A 170 44.50 8.13 -25.87
N GLU B 3 40.96 12.73 -16.78
CA GLU B 3 40.54 14.16 -16.71
C GLU B 3 39.16 14.32 -17.44
N THR B 4 39.16 14.93 -18.64
CA THR B 4 38.03 14.92 -19.56
C THR B 4 37.94 13.56 -20.32
N PRO B 5 36.81 12.85 -20.20
CA PRO B 5 36.67 11.58 -20.99
C PRO B 5 36.71 11.83 -22.47
N THR B 6 36.83 10.75 -23.24
CA THR B 6 37.20 10.87 -24.66
C THR B 6 36.50 9.88 -25.57
N TYR B 7 36.66 10.04 -26.88
CA TYR B 7 36.13 9.05 -27.76
C TYR B 7 36.98 8.99 -29.00
N PRO B 8 37.23 7.76 -29.51
CA PRO B 8 37.92 7.55 -30.80
C PRO B 8 37.09 8.04 -31.94
N TRP B 9 37.73 8.51 -32.99
CA TRP B 9 37.05 9.11 -34.12
C TRP B 9 37.97 9.04 -35.30
N ARG B 10 37.45 8.57 -36.43
CA ARG B 10 38.24 8.54 -37.65
C ARG B 10 38.03 9.89 -38.31
N ASP B 11 39.12 10.64 -38.44
CA ASP B 11 39.06 11.91 -39.12
C ASP B 11 38.52 11.65 -40.51
N ALA B 12 37.49 12.40 -40.90
CA ALA B 12 36.98 12.36 -42.27
C ALA B 12 37.97 13.18 -43.14
N GLU B 13 38.62 12.49 -44.08
CA GLU B 13 39.64 13.09 -44.98
C GLU B 13 41.11 12.98 -44.53
N THR B 14 41.35 12.59 -43.29
CA THR B 14 42.68 12.17 -42.82
C THR B 14 42.65 10.64 -42.62
N GLY B 15 41.60 10.16 -41.93
CA GLY B 15 41.43 8.74 -41.67
C GLY B 15 42.28 8.25 -40.50
N GLU B 16 42.99 9.15 -39.84
CA GLU B 16 43.81 8.72 -38.71
C GLU B 16 42.83 8.57 -37.53
N ARG B 17 43.19 7.71 -36.58
CA ARG B 17 42.46 7.54 -35.32
C ARG B 17 42.80 8.71 -34.37
N LEU B 18 41.82 9.58 -34.14
CA LEU B 18 41.96 10.71 -33.19
C LEU B 18 41.35 10.25 -31.87
N VAL B 19 41.84 10.78 -30.76
CA VAL B 19 41.15 10.62 -29.48
C VAL B 19 40.63 12.05 -29.10
N CYS B 20 39.33 12.24 -29.27
CA CYS B 20 38.63 13.53 -29.05
C CYS B 20 38.04 13.60 -27.63
N ALA B 21 37.87 14.83 -27.16
CA ALA B 21 37.26 15.05 -25.90
C ALA B 21 35.73 14.89 -26.13
N GLN B 22 35.08 14.21 -25.22
CA GLN B 22 33.63 14.16 -25.24
C GLN B 22 33.15 15.52 -24.75
N CYS B 23 31.85 15.71 -24.82
CA CYS B 23 31.25 16.97 -24.38
C CYS B 23 30.60 16.78 -23.03
N PRO B 24 30.54 17.82 -22.20
CA PRO B 24 29.99 17.65 -20.86
C PRO B 24 28.46 17.68 -20.80
N PRO B 25 27.88 17.18 -19.70
CA PRO B 25 26.47 17.36 -19.47
C PRO B 25 26.10 18.83 -19.73
N GLY B 26 24.92 19.04 -20.32
CA GLY B 26 24.42 20.35 -20.71
C GLY B 26 24.88 20.70 -22.12
N THR B 27 25.76 19.89 -22.72
CA THR B 27 26.22 20.16 -24.06
C THR B 27 26.10 18.93 -24.95
N PHE B 28 26.39 19.16 -26.22
CA PHE B 28 26.44 18.15 -27.25
C PHE B 28 27.50 18.54 -28.26
N VAL B 29 27.82 17.64 -29.17
CA VAL B 29 28.90 17.90 -30.16
C VAL B 29 28.39 18.67 -31.35
N GLN B 30 28.68 19.97 -31.41
CA GLN B 30 28.41 20.77 -32.62
C GLN B 30 29.30 20.31 -33.77
N ARG B 31 30.58 20.02 -33.47
CA ARG B 31 31.56 19.59 -34.47
C ARG B 31 32.66 18.77 -33.83
N PRO B 32 33.00 17.63 -34.44
CA PRO B 32 34.03 16.72 -33.96
C PRO B 32 35.44 17.31 -34.00
N CYS B 33 36.32 16.70 -33.21
CA CYS B 33 37.72 17.11 -33.12
C CYS B 33 38.39 16.72 -34.43
N ARG B 34 39.34 17.55 -34.86
CA ARG B 34 40.12 17.32 -36.09
C ARG B 34 41.61 17.19 -35.75
N ARG B 35 42.47 17.10 -36.77
CA ARG B 35 43.93 17.19 -36.60
C ARG B 35 44.32 18.26 -35.55
N ASP B 36 43.98 19.53 -35.79
CA ASP B 36 44.45 20.66 -34.97
C ASP B 36 43.42 21.23 -33.97
N SER B 37 42.12 21.00 -34.22
CA SER B 37 41.02 21.61 -33.42
C SER B 37 40.43 20.65 -32.39
N PRO B 38 40.14 21.15 -31.19
CA PRO B 38 39.43 20.30 -30.24
C PRO B 38 37.93 20.10 -30.63
N THR B 39 37.30 19.10 -30.00
CA THR B 39 35.85 18.94 -30.09
C THR B 39 35.18 20.27 -29.77
N THR B 40 34.26 20.70 -30.65
CA THR B 40 33.42 21.86 -30.36
C THR B 40 32.05 21.48 -29.73
N CYS B 41 31.84 21.92 -28.50
CA CYS B 41 30.67 21.58 -27.72
C CYS B 41 29.71 22.77 -27.70
N GLY B 42 28.41 22.52 -27.87
CA GLY B 42 27.35 23.53 -27.86
C GLY B 42 26.34 23.24 -26.78
N PRO B 43 25.62 24.27 -26.31
CA PRO B 43 24.75 24.09 -25.18
C PRO B 43 23.41 23.52 -25.64
N CYS B 44 22.79 22.74 -24.77
CA CYS B 44 21.57 22.08 -25.18
C CYS B 44 20.52 23.16 -25.37
N PRO B 45 19.77 23.14 -26.49
CA PRO B 45 18.69 24.13 -26.59
C PRO B 45 17.55 23.82 -25.67
N PRO B 46 16.62 24.77 -25.54
CA PRO B 46 15.50 24.48 -24.66
C PRO B 46 14.71 23.18 -25.11
N ARG B 47 14.08 22.55 -24.14
CA ARG B 47 13.37 21.28 -24.26
C ARG B 47 14.27 20.04 -24.49
N HIS B 48 15.58 20.23 -24.31
CA HIS B 48 16.59 19.23 -24.52
C HIS B 48 17.67 19.20 -23.42
N TYR B 49 18.33 18.07 -23.29
CA TYR B 49 19.28 17.84 -22.25
C TYR B 49 20.25 16.76 -22.64
N THR B 50 21.40 16.79 -21.95
CA THR B 50 22.30 15.69 -21.79
C THR B 50 22.72 15.66 -20.32
N GLN B 51 22.55 14.52 -19.67
CA GLN B 51 22.86 14.36 -18.25
C GLN B 51 24.31 13.82 -17.92
N PHE B 52 24.97 13.27 -18.94
CA PHE B 52 26.28 12.65 -18.83
C PHE B 52 27.17 13.22 -19.91
N TRP B 53 28.46 12.98 -19.78
CA TRP B 53 29.39 13.26 -20.87
C TRP B 53 28.97 12.40 -22.03
N ASN B 54 29.25 12.85 -23.24
CA ASN B 54 28.62 12.28 -24.38
C ASN B 54 29.27 12.75 -25.58
N TYR B 55 29.00 12.12 -26.70
CA TYR B 55 29.29 12.76 -27.96
C TYR B 55 28.15 12.74 -28.92
N LEU B 56 26.96 13.03 -28.38
CA LEU B 56 25.74 13.08 -29.20
C LEU B 56 25.82 14.25 -30.15
N GLU B 57 25.25 14.07 -31.33
CA GLU B 57 25.13 15.13 -32.32
C GLU B 57 23.90 15.98 -32.07
N ARG B 58 23.04 15.53 -31.17
CA ARG B 58 21.90 16.34 -30.74
C ARG B 58 21.49 15.87 -29.36
N CYS B 59 21.03 16.81 -28.53
CA CYS B 59 20.75 16.54 -27.17
C CYS B 59 19.53 15.66 -27.13
N ARG B 60 19.33 14.95 -26.03
CA ARG B 60 18.15 14.14 -25.90
C ARG B 60 16.99 15.12 -25.65
N TYR B 61 15.81 14.69 -26.05
CA TYR B 61 14.57 15.38 -25.88
C TYR B 61 14.03 15.19 -24.44
N CYS B 62 13.56 16.28 -23.80
CA CYS B 62 12.95 16.21 -22.48
C CYS B 62 11.53 15.70 -22.68
N ASN B 63 11.36 14.39 -22.58
CA ASN B 63 10.16 13.73 -23.01
C ASN B 63 9.38 13.19 -21.87
N VAL B 64 9.68 13.63 -20.67
CA VAL B 64 8.79 13.27 -19.58
C VAL B 64 7.73 14.40 -19.39
N LEU B 65 6.45 14.01 -19.44
CA LEU B 65 5.33 14.91 -19.30
C LEU B 65 4.59 14.58 -18.05
N CYS B 66 4.22 15.65 -17.36
CA CYS B 66 3.45 15.52 -16.16
C CYS B 66 1.98 15.40 -16.54
N GLY B 67 1.25 14.47 -15.92
CA GLY B 67 -0.21 14.40 -16.05
C GLY B 67 -0.99 15.29 -15.08
N GLU B 68 -2.31 15.28 -15.19
CA GLU B 68 -3.14 16.32 -14.54
C GLU B 68 -3.07 16.13 -13.02
N ARG B 69 -2.78 14.89 -12.59
CA ARG B 69 -2.60 14.55 -11.19
C ARG B 69 -1.19 14.82 -10.66
N GLU B 70 -0.33 15.42 -11.49
CA GLU B 70 1.12 15.47 -11.27
C GLU B 70 1.63 16.86 -11.43
N GLU B 71 2.73 17.14 -10.72
CA GLU B 71 3.46 18.40 -10.91
C GLU B 71 4.94 18.05 -11.13
N GLU B 72 5.70 18.99 -11.67
CA GLU B 72 7.16 18.87 -11.75
C GLU B 72 7.87 18.78 -10.39
N ALA B 73 8.54 17.67 -10.15
CA ALA B 73 9.56 17.62 -9.11
C ALA B 73 10.89 18.24 -9.63
N ARG B 74 11.12 18.20 -10.95
CA ARG B 74 12.26 18.89 -11.56
C ARG B 74 11.85 19.32 -12.91
N ALA B 75 12.37 20.45 -13.29
CA ALA B 75 12.14 20.97 -14.57
C ALA B 75 13.10 20.34 -15.58
N CYS B 76 12.75 20.53 -16.83
CA CYS B 76 13.62 20.29 -17.92
C CYS B 76 14.72 21.30 -17.80
N HIS B 77 15.95 20.82 -17.68
CA HIS B 77 17.17 21.63 -17.59
C HIS B 77 18.14 21.12 -18.72
N ALA B 78 19.08 21.95 -19.14
CA ALA B 78 20.20 21.47 -20.01
C ALA B 78 20.86 20.14 -19.57
N THR B 79 20.81 19.80 -18.29
CA THR B 79 21.52 18.63 -17.82
C THR B 79 20.58 17.55 -17.29
N HIS B 80 19.27 17.79 -17.29
CA HIS B 80 18.39 16.66 -16.94
C HIS B 80 16.97 16.79 -17.53
N ASN B 81 16.32 15.66 -17.61
CA ASN B 81 14.95 15.62 -18.10
C ASN B 81 14.02 16.14 -16.97
N ARG B 82 12.79 16.42 -17.33
CA ARG B 82 11.75 16.78 -16.41
C ARG B 82 11.52 15.55 -15.57
N ALA B 83 11.03 15.73 -14.35
CA ALA B 83 10.52 14.60 -13.52
C ALA B 83 9.25 15.04 -12.81
N CYS B 84 8.37 14.09 -12.52
CA CYS B 84 7.03 14.42 -12.04
C CYS B 84 6.75 13.73 -10.72
N ARG B 85 5.96 14.37 -9.85
CA ARG B 85 5.46 13.63 -8.69
C ARG B 85 3.97 13.84 -8.58
N CYS B 86 3.33 13.00 -7.78
CA CYS B 86 1.89 13.17 -7.58
C CYS B 86 1.63 14.50 -6.88
N ARG B 87 0.63 15.24 -7.37
CA ARG B 87 0.09 16.40 -6.65
C ARG B 87 -0.43 16.08 -5.24
N THR B 88 -0.55 17.17 -4.46
CA THR B 88 -1.17 17.16 -3.11
C THR B 88 -2.53 16.40 -3.13
N GLY B 89 -2.67 15.44 -2.20
CA GLY B 89 -3.87 14.62 -2.10
C GLY B 89 -3.76 13.28 -2.80
N PHE B 90 -2.68 13.07 -3.58
CA PHE B 90 -2.44 11.80 -4.28
C PHE B 90 -1.13 11.08 -3.93
N PHE B 91 -1.14 9.78 -4.16
CA PHE B 91 0.04 8.98 -3.97
C PHE B 91 0.36 8.12 -5.18
N ALA B 92 1.65 7.90 -5.42
CA ALA B 92 2.15 7.23 -6.65
C ALA B 92 2.03 5.74 -6.49
N HIS B 93 1.10 5.15 -7.23
CA HIS B 93 0.95 3.70 -7.21
C HIS B 93 0.88 3.17 -8.65
N ALA B 94 1.74 2.18 -8.94
CA ALA B 94 1.85 1.47 -10.22
C ALA B 94 1.76 2.36 -11.46
N GLY B 95 2.39 3.53 -11.42
CA GLY B 95 2.43 4.43 -12.60
C GLY B 95 1.32 5.46 -12.59
N PHE B 96 0.46 5.38 -11.57
CA PHE B 96 -0.70 6.28 -11.43
C PHE B 96 -0.66 7.10 -10.16
N CYS B 97 -1.50 8.12 -10.15
CA CYS B 97 -1.66 8.97 -8.99
C CYS B 97 -3.06 8.73 -8.39
N LEU B 98 -3.14 7.94 -7.31
CA LEU B 98 -4.39 7.65 -6.56
C LEU B 98 -4.63 8.63 -5.39
N GLU B 99 -5.90 8.96 -5.16
CA GLU B 99 -6.29 9.79 -4.01
C GLU B 99 -5.90 9.13 -2.68
N HIS B 100 -5.48 9.93 -1.70
CA HIS B 100 -5.19 9.40 -0.37
C HIS B 100 -6.46 8.80 0.20
N ALA B 101 -6.32 7.64 0.84
CA ALA B 101 -7.45 6.95 1.46
C ALA B 101 -7.84 7.61 2.79
N SER B 102 -9.01 7.20 3.27
CA SER B 102 -9.61 7.72 4.49
C SER B 102 -9.69 6.59 5.47
N CYS B 103 -9.38 6.89 6.73
CA CYS B 103 -9.51 5.92 7.84
C CYS B 103 -10.98 5.97 8.33
N PRO B 104 -11.72 4.83 8.30
CA PRO B 104 -13.12 4.88 8.76
C PRO B 104 -13.28 5.25 10.27
N PRO B 105 -14.54 5.46 10.72
CA PRO B 105 -14.79 5.56 12.14
C PRO B 105 -14.32 4.27 12.71
N GLY B 106 -13.82 4.28 13.94
CA GLY B 106 -13.15 3.09 14.46
C GLY B 106 -11.63 2.98 14.20
N ALA B 107 -11.11 3.81 13.28
CA ALA B 107 -9.68 3.78 12.95
C ALA B 107 -9.14 5.18 12.78
N GLY B 108 -7.86 5.34 13.08
CA GLY B 108 -7.20 6.64 13.01
C GLY B 108 -5.98 6.64 12.12
N VAL B 109 -5.69 7.79 11.55
CA VAL B 109 -4.45 8.01 10.81
C VAL B 109 -3.25 7.82 11.73
N ILE B 110 -2.36 6.87 11.40
CA ILE B 110 -1.00 6.84 12.02
C ILE B 110 0.14 7.41 11.15
N ALA B 111 -0.17 7.81 9.89
CA ALA B 111 0.77 8.51 9.00
C ALA B 111 0.03 9.18 7.85
N PRO B 112 0.18 10.53 7.73
CA PRO B 112 -0.31 11.26 6.53
C PRO B 112 0.12 10.64 5.16
N GLY B 113 -0.73 10.84 4.16
CA GLY B 113 -0.41 10.44 2.80
C GLY B 113 0.63 11.42 2.26
N THR B 114 1.51 10.90 1.41
CA THR B 114 2.51 11.74 0.76
C THR B 114 2.48 11.39 -0.70
N PRO B 115 3.26 12.14 -1.51
CA PRO B 115 3.43 11.84 -2.91
C PRO B 115 3.79 10.38 -3.23
N SER B 116 4.45 9.66 -2.31
CA SER B 116 4.79 8.22 -2.52
C SER B 116 4.02 7.21 -1.69
N GLN B 117 3.18 7.68 -0.74
CA GLN B 117 2.66 6.78 0.30
C GLN B 117 1.17 7.06 0.57
N ASN B 118 0.37 6.00 0.61
CA ASN B 118 -1.06 6.13 0.98
C ASN B 118 -1.17 6.48 2.44
N THR B 119 -2.33 6.98 2.85
CA THR B 119 -2.62 7.14 4.26
C THR B 119 -2.40 5.78 4.98
N GLN B 120 -1.84 5.83 6.18
CA GLN B 120 -1.73 4.62 7.00
C GLN B 120 -2.73 4.73 8.15
N CYS B 121 -3.43 3.62 8.41
CA CYS B 121 -4.52 3.55 9.36
C CYS B 121 -4.35 2.38 10.25
N GLN B 122 -4.84 2.51 11.47
CA GLN B 122 -4.93 1.39 12.39
C GLN B 122 -6.25 1.47 13.16
N PRO B 123 -6.80 0.30 13.61
CA PRO B 123 -7.98 0.38 14.49
C PRO B 123 -7.59 1.07 15.81
N CYS B 124 -8.48 1.98 16.26
CA CYS B 124 -8.25 2.78 17.47
C CYS B 124 -8.01 1.86 18.66
N PRO B 125 -6.85 1.98 19.33
CA PRO B 125 -6.62 1.11 20.48
C PRO B 125 -7.52 1.50 21.66
N PRO B 126 -7.59 0.63 22.68
CA PRO B 126 -8.48 0.87 23.83
C PRO B 126 -8.26 2.24 24.50
N GLY B 127 -9.35 2.84 24.96
CA GLY B 127 -9.30 4.18 25.55
C GLY B 127 -9.20 5.28 24.53
N THR B 128 -9.24 4.93 23.21
CA THR B 128 -9.17 5.94 22.12
C THR B 128 -10.29 5.78 21.11
N PHE B 129 -10.47 6.81 20.29
CA PHE B 129 -11.61 6.84 19.41
C PHE B 129 -11.32 7.70 18.17
N SER B 130 -12.02 7.36 17.07
CA SER B 130 -12.26 8.25 15.91
C SER B 130 -13.73 8.09 15.39
N ALA B 131 -14.46 9.20 15.32
CA ALA B 131 -15.90 9.21 14.98
C ALA B 131 -16.18 9.37 13.48
N SER B 132 -15.17 9.73 12.70
CA SER B 132 -15.38 10.04 11.28
C SER B 132 -14.36 9.38 10.36
N SER B 133 -14.81 9.19 9.11
CA SER B 133 -14.00 8.86 7.94
C SER B 133 -13.22 10.15 7.62
N SER B 134 -11.89 10.08 7.76
CA SER B 134 -10.97 11.22 7.55
C SER B 134 -9.55 10.74 7.19
N SER B 135 -8.87 11.51 6.37
CA SER B 135 -7.50 11.16 5.96
C SER B 135 -6.48 11.97 6.77
N SER B 136 -6.96 12.76 7.74
CA SER B 136 -6.08 13.44 8.74
C SER B 136 -6.28 12.91 10.20
N GLU B 137 -7.56 12.77 10.62
CA GLU B 137 -7.93 12.60 12.04
C GLU B 137 -7.29 11.37 12.64
N GLN B 138 -6.58 11.55 13.75
CA GLN B 138 -5.95 10.42 14.46
C GLN B 138 -6.89 9.87 15.54
N CYS B 139 -6.58 8.69 16.09
CA CYS B 139 -7.26 8.22 17.30
C CYS B 139 -6.90 9.20 18.44
N GLN B 140 -7.92 9.73 19.14
CA GLN B 140 -7.75 10.55 20.34
C GLN B 140 -8.21 9.78 21.60
N PRO B 141 -7.53 10.01 22.76
CA PRO B 141 -8.01 9.40 24.00
C PRO B 141 -9.45 9.87 24.34
N HIS B 142 -10.23 8.95 24.91
CA HIS B 142 -11.52 9.27 25.47
C HIS B 142 -11.39 10.41 26.47
N ARG B 143 -12.36 11.31 26.39
CA ARG B 143 -12.69 12.24 27.47
C ARG B 143 -12.59 11.42 28.77
N ASN B 144 -11.87 12.02 29.72
CA ASN B 144 -11.58 11.42 31.04
C ASN B 144 -12.49 12.13 32.07
N CYS B 145 -13.62 11.47 32.40
CA CYS B 145 -14.59 12.02 33.34
C CYS B 145 -14.00 12.35 34.73
N THR B 146 -13.09 11.52 35.22
CA THR B 146 -12.53 11.75 36.55
C THR B 146 -11.51 12.94 36.59
N ALA B 147 -10.73 13.14 35.53
CA ALA B 147 -9.88 14.36 35.36
C ALA B 147 -10.72 15.67 35.34
N LEU B 148 -11.90 15.66 34.72
CA LEU B 148 -12.80 16.84 34.71
C LEU B 148 -13.68 16.96 35.98
N GLY B 149 -13.55 16.03 36.93
CA GLY B 149 -14.37 16.03 38.15
C GLY B 149 -15.83 15.62 37.99
N LEU B 150 -16.17 15.06 36.82
CA LEU B 150 -17.53 14.63 36.53
C LEU B 150 -17.70 13.10 36.70
N ALA B 151 -18.96 12.68 36.63
CA ALA B 151 -19.31 11.27 36.63
C ALA B 151 -19.58 10.82 35.17
N LEU B 152 -19.45 9.51 34.98
CA LEU B 152 -19.72 8.87 33.70
C LEU B 152 -21.21 8.89 33.34
N ASN B 153 -21.51 9.36 32.12
CA ASN B 153 -22.83 9.27 31.48
C ASN B 153 -22.91 8.11 30.48
N VAL B 154 -22.20 8.17 29.34
CA VAL B 154 -22.26 7.01 28.42
C VAL B 154 -20.82 6.58 28.04
N PRO B 155 -20.47 5.31 28.33
CA PRO B 155 -19.18 4.75 27.90
C PRO B 155 -18.94 5.03 26.40
N GLY B 156 -17.69 5.33 26.09
CA GLY B 156 -17.28 5.53 24.70
C GLY B 156 -16.85 4.21 24.03
N SER B 157 -16.49 4.33 22.75
CA SER B 157 -16.04 3.20 21.96
C SER B 157 -14.86 3.64 21.05
N SER B 158 -14.44 2.72 20.19
CA SER B 158 -13.39 3.00 19.24
C SER B 158 -13.86 4.02 18.20
N SER B 159 -15.19 4.27 18.21
CA SER B 159 -15.83 5.18 17.24
C SER B 159 -16.71 6.30 17.83
N HIS B 160 -16.74 6.44 19.15
CA HIS B 160 -17.52 7.47 19.83
C HIS B 160 -16.81 7.91 21.11
N ASP B 161 -16.84 9.23 21.38
CA ASP B 161 -16.26 9.75 22.64
C ASP B 161 -17.16 9.37 23.87
N THR B 162 -16.51 9.08 25.00
CA THR B 162 -17.13 8.99 26.32
C THR B 162 -17.86 10.35 26.62
N LEU B 163 -19.12 10.26 27.06
CA LEU B 163 -19.86 11.39 27.62
C LEU B 163 -19.83 11.37 29.18
N CYS B 164 -19.67 12.56 29.79
CA CYS B 164 -19.81 12.75 31.27
C CYS B 164 -21.04 13.61 31.62
N THR B 165 -21.69 13.29 32.75
CA THR B 165 -22.88 14.04 33.25
C THR B 165 -22.51 15.34 33.98
N SER B 166 -23.12 16.46 33.54
CA SER B 166 -22.99 17.80 34.19
C SER B 166 -23.29 17.78 35.71
N VAL C 10 -42.80 -13.99 33.77
CA VAL C 10 -42.62 -13.53 32.33
C VAL C 10 -41.11 -13.45 31.89
N ASN C 11 -40.77 -14.11 30.82
CA ASN C 11 -39.36 -14.27 30.46
C ASN C 11 -38.95 -13.13 29.52
N PRO C 12 -37.98 -12.34 29.91
CA PRO C 12 -37.67 -11.18 29.10
C PRO C 12 -37.34 -11.52 27.66
N ALA C 13 -37.89 -10.76 26.70
CA ALA C 13 -37.56 -10.91 25.29
C ALA C 13 -37.77 -9.60 24.56
N ALA C 14 -37.19 -9.48 23.37
CA ALA C 14 -37.35 -8.28 22.53
C ALA C 14 -36.88 -8.56 21.16
N HIS C 15 -37.45 -7.86 20.22
CA HIS C 15 -37.03 -7.83 18.85
C HIS C 15 -37.24 -6.45 18.31
N LEU C 16 -36.14 -5.76 17.99
CA LEU C 16 -36.14 -4.42 17.47
C LEU C 16 -35.80 -4.36 16.04
N THR C 17 -36.46 -3.49 15.28
CA THR C 17 -36.31 -3.45 13.84
C THR C 17 -35.68 -2.22 13.24
N GLY C 18 -35.12 -2.41 12.05
CA GLY C 18 -34.42 -1.28 11.42
C GLY C 18 -35.48 -0.18 11.28
N ALA C 19 -35.08 1.06 11.44
CA ALA C 19 -36.03 2.21 11.23
C ALA C 19 -35.37 3.33 10.39
N ASN C 20 -36.18 4.32 9.99
CA ASN C 20 -35.69 5.47 9.28
C ASN C 20 -34.63 6.28 10.05
N SER C 21 -34.79 6.36 11.34
CA SER C 21 -33.76 6.92 12.22
C SER C 21 -32.58 5.98 12.39
N SER C 22 -32.58 4.74 11.86
CA SER C 22 -31.59 3.77 12.39
C SER C 22 -30.05 4.22 12.28
N LEU C 23 -29.69 4.97 11.23
CA LEU C 23 -28.27 5.32 10.96
C LEU C 23 -27.97 6.77 11.38
N THR C 24 -27.40 6.95 12.56
CA THR C 24 -27.18 8.33 13.08
C THR C 24 -26.05 9.03 12.33
N GLY C 25 -25.09 8.25 11.81
CA GLY C 25 -23.84 8.79 11.26
C GLY C 25 -22.94 9.53 12.26
N SER C 26 -23.13 9.28 13.55
CA SER C 26 -22.34 9.93 14.60
C SER C 26 -21.16 9.01 15.03
N GLY C 27 -21.05 7.84 14.39
CA GLY C 27 -20.21 6.75 14.91
C GLY C 27 -20.72 6.06 16.18
N GLY C 28 -21.85 6.51 16.70
CA GLY C 28 -22.53 5.86 17.78
C GLY C 28 -23.31 4.63 17.29
N PRO C 29 -23.98 3.98 18.19
CA PRO C 29 -24.68 2.75 17.78
C PRO C 29 -25.87 2.91 16.85
N LEU C 30 -26.34 1.85 16.24
CA LEU C 30 -27.56 1.96 15.47
C LEU C 30 -28.74 2.24 16.35
N LEU C 31 -29.78 2.88 15.81
CA LEU C 31 -31.03 3.05 16.54
C LEU C 31 -32.03 2.12 15.95
N TRP C 32 -33.09 1.85 16.69
CA TRP C 32 -34.05 0.80 16.32
C TRP C 32 -35.49 1.18 16.63
N GLU C 33 -36.45 0.63 15.91
CA GLU C 33 -37.86 0.77 16.27
C GLU C 33 -38.22 -0.29 17.33
N THR C 34 -39.11 0.06 18.24
CA THR C 34 -39.44 -0.75 19.40
C THR C 34 -40.92 -1.08 19.54
N GLN C 35 -41.79 -0.50 18.73
CA GLN C 35 -43.25 -0.66 18.87
C GLN C 35 -43.97 -1.01 17.63
N LEU C 36 -43.65 -0.39 16.50
CA LEU C 36 -44.40 -0.63 15.27
C LEU C 36 -43.95 -1.88 14.52
N GLY C 37 -44.93 -2.47 13.85
CA GLY C 37 -44.78 -3.66 13.03
C GLY C 37 -44.34 -4.83 13.88
N LEU C 38 -43.24 -5.45 13.54
CA LEU C 38 -42.76 -6.59 14.24
C LEU C 38 -41.99 -6.31 15.53
N ALA C 39 -41.70 -5.06 15.85
CA ALA C 39 -40.83 -4.78 16.94
C ALA C 39 -41.62 -4.87 18.24
N PHE C 40 -41.01 -5.37 19.29
CA PHE C 40 -41.66 -5.35 20.59
C PHE C 40 -40.58 -5.37 21.65
N LEU C 41 -40.97 -4.99 22.87
CA LEU C 41 -40.17 -5.20 24.11
C LEU C 41 -41.07 -5.94 25.09
N ARG C 42 -40.54 -6.97 25.79
CA ARG C 42 -41.31 -7.64 26.82
C ARG C 42 -40.38 -7.94 27.95
N GLY C 43 -40.35 -7.06 28.93
CA GLY C 43 -39.47 -7.26 30.12
C GLY C 43 -38.01 -6.83 29.86
N LEU C 44 -37.78 -6.10 28.80
CA LEU C 44 -36.51 -5.42 28.55
C LEU C 44 -36.95 -3.98 28.22
N SER C 45 -36.05 -3.01 28.37
CA SER C 45 -36.30 -1.62 27.95
C SER C 45 -35.34 -1.19 26.87
N TYR C 46 -35.50 0.07 26.46
CA TYR C 46 -34.75 0.59 25.42
C TYR C 46 -34.45 2.05 25.70
N HIS C 47 -33.26 2.48 25.36
CA HIS C 47 -32.90 3.91 25.45
C HIS C 47 -31.80 4.23 24.46
N ASP C 48 -32.01 5.09 23.46
CA ASP C 48 -30.93 5.54 22.57
C ASP C 48 -30.12 4.45 21.88
N GLY C 49 -30.81 3.46 21.36
CA GLY C 49 -30.09 2.43 20.60
C GLY C 49 -29.81 1.20 21.41
N ALA C 50 -29.85 1.34 22.70
CA ALA C 50 -29.53 0.23 23.60
C ALA C 50 -30.72 -0.51 24.12
N LEU C 51 -30.62 -1.85 24.17
CA LEU C 51 -31.45 -2.69 24.99
C LEU C 51 -31.01 -2.56 26.40
N VAL C 52 -31.95 -2.21 27.26
CA VAL C 52 -31.64 -2.03 28.65
C VAL C 52 -32.15 -3.17 29.49
N VAL C 53 -31.27 -3.77 30.26
CA VAL C 53 -31.60 -4.91 31.06
C VAL C 53 -32.12 -4.49 32.43
N THR C 54 -33.25 -5.06 32.80
CA THR C 54 -33.95 -4.82 34.05
C THR C 54 -34.04 -6.08 34.88
N LYS C 55 -33.76 -7.22 34.29
CA LYS C 55 -33.69 -8.44 35.04
C LYS C 55 -32.35 -9.15 34.72
N ALA C 56 -31.59 -9.48 35.74
CA ALA C 56 -30.27 -10.02 35.55
C ALA C 56 -30.38 -11.46 35.14
N GLY C 57 -29.48 -11.93 34.28
CA GLY C 57 -29.44 -13.34 33.88
C GLY C 57 -28.65 -13.50 32.55
N TYR C 58 -28.66 -14.71 32.05
CA TYR C 58 -28.07 -15.00 30.80
C TYR C 58 -29.09 -14.77 29.67
N TYR C 59 -28.66 -14.07 28.64
CA TYR C 59 -29.53 -13.80 27.53
C TYR C 59 -28.85 -14.30 26.25
N TYR C 60 -29.65 -14.88 25.37
CA TYR C 60 -29.22 -14.99 24.02
C TYR C 60 -29.55 -13.70 23.33
N ILE C 61 -28.52 -13.04 22.79
CA ILE C 61 -28.67 -11.78 22.11
C ILE C 61 -28.40 -12.07 20.65
N TYR C 62 -29.05 -11.35 19.74
CA TYR C 62 -28.79 -11.57 18.37
C TYR C 62 -29.04 -10.32 17.57
N SER C 63 -28.45 -10.28 16.37
CA SER C 63 -28.67 -9.18 15.48
C SER C 63 -28.37 -9.65 14.07
N LYS C 64 -29.20 -9.27 13.13
CA LYS C 64 -28.93 -9.51 11.75
C LYS C 64 -28.86 -8.13 11.03
N VAL C 65 -27.83 -7.85 10.24
CA VAL C 65 -27.89 -6.63 9.37
C VAL C 65 -27.77 -7.02 7.94
N GLN C 66 -28.66 -6.45 7.16
CA GLN C 66 -28.64 -6.65 5.71
C GLN C 66 -27.68 -5.56 5.17
N LEU C 67 -26.67 -6.00 4.47
CA LEU C 67 -25.66 -5.13 3.93
C LEU C 67 -25.85 -5.19 2.42
N GLY C 68 -25.44 -4.12 1.78
CA GLY C 68 -25.53 -4.02 0.32
C GLY C 68 -24.84 -2.76 -0.13
N GLY C 69 -24.34 -2.81 -1.36
CA GLY C 69 -23.57 -1.72 -1.96
C GLY C 69 -23.35 -1.85 -3.49
N VAL C 70 -22.74 -0.81 -4.06
CA VAL C 70 -22.39 -0.75 -5.50
C VAL C 70 -20.87 -0.74 -5.52
N GLY C 71 -20.22 -1.83 -5.97
CA GLY C 71 -18.74 -1.94 -5.98
C GLY C 71 -18.13 -1.72 -4.59
N CYS C 72 -17.07 -0.91 -4.48
CA CYS C 72 -16.60 -0.40 -3.18
C CYS C 72 -16.01 0.97 -3.38
N ALA C 77 -10.94 0.58 3.87
CA ALA C 77 -12.03 -0.18 4.54
C ALA C 77 -13.06 -0.83 3.59
N SER C 78 -12.61 -1.86 2.90
CA SER C 78 -13.46 -2.83 2.22
C SER C 78 -14.00 -3.95 3.20
N THR C 79 -13.75 -3.75 4.48
CA THR C 79 -14.06 -4.73 5.50
C THR C 79 -15.16 -4.14 6.37
N ILE C 80 -16.24 -4.90 6.54
CA ILE C 80 -17.39 -4.51 7.39
C ILE C 80 -17.34 -5.26 8.71
N THR C 81 -17.47 -4.52 9.81
CA THR C 81 -17.52 -5.02 11.13
C THR C 81 -18.97 -4.80 11.66
N HIS C 82 -19.58 -5.89 12.15
CA HIS C 82 -20.95 -5.95 12.74
C HIS C 82 -20.80 -6.52 14.08
N GLY C 83 -21.16 -5.76 15.10
CA GLY C 83 -20.98 -6.24 16.46
C GLY C 83 -22.04 -5.86 17.50
N LEU C 84 -22.05 -6.63 18.59
CA LEU C 84 -22.86 -6.32 19.74
C LEU C 84 -21.90 -6.03 20.84
N TYR C 85 -22.18 -4.99 21.62
CA TYR C 85 -21.29 -4.51 22.65
C TYR C 85 -22.11 -4.24 23.95
N LYS C 86 -21.51 -4.51 25.10
CA LYS C 86 -22.08 -4.25 26.41
C LYS C 86 -21.62 -2.89 26.94
N ARG C 87 -22.50 -2.14 27.58
CA ARG C 87 -22.15 -0.96 28.39
C ARG C 87 -22.55 -1.21 29.79
N THR C 88 -21.66 -0.90 30.70
CA THR C 88 -21.93 -1.01 32.11
C THR C 88 -21.51 0.31 32.78
N PRO C 89 -22.24 0.75 33.80
CA PRO C 89 -21.85 1.93 34.54
C PRO C 89 -20.59 1.72 35.33
N ARG C 90 -20.19 0.51 35.53
CA ARG C 90 -18.96 0.28 36.30
C ARG C 90 -17.61 0.62 35.56
N TYR C 91 -17.62 0.85 34.25
CA TYR C 91 -16.42 0.97 33.46
C TYR C 91 -16.74 1.80 32.29
N PRO C 92 -15.86 2.74 31.91
CA PRO C 92 -16.23 3.78 31.01
C PRO C 92 -15.96 3.48 29.52
N GLU C 93 -15.90 2.21 29.21
CA GLU C 93 -15.73 1.81 27.83
C GLU C 93 -16.60 0.58 27.51
N GLU C 94 -17.12 0.54 26.30
CA GLU C 94 -17.85 -0.64 25.80
C GLU C 94 -17.02 -1.92 25.85
N LEU C 95 -17.69 -3.05 26.06
CA LEU C 95 -17.05 -4.37 25.96
C LEU C 95 -17.63 -5.08 24.77
N GLU C 96 -16.77 -5.62 23.96
CA GLU C 96 -17.15 -6.38 22.79
C GLU C 96 -17.76 -7.71 23.21
N LEU C 97 -18.87 -8.09 22.60
CA LEU C 97 -19.46 -9.39 22.99
C LEU C 97 -19.32 -10.37 21.82
N LEU C 98 -19.92 -9.99 20.72
CA LEU C 98 -20.04 -10.88 19.58
C LEU C 98 -19.79 -9.99 18.37
N VAL C 99 -18.77 -10.31 17.55
CA VAL C 99 -18.38 -9.44 16.47
C VAL C 99 -18.04 -10.27 15.28
N SER C 100 -18.50 -9.82 14.12
CA SER C 100 -18.13 -10.39 12.86
C SER C 100 -17.48 -9.39 11.91
N GLN C 101 -16.53 -9.84 11.12
CA GLN C 101 -15.88 -9.05 10.08
C GLN C 101 -16.13 -9.81 8.85
N GLN C 102 -16.52 -9.08 7.80
CA GLN C 102 -17.01 -9.65 6.53
C GLN C 102 -16.37 -8.70 5.43
N SER C 103 -15.91 -9.23 4.31
CA SER C 103 -15.42 -8.38 3.22
C SER C 103 -16.23 -8.77 2.02
N PRO C 104 -17.47 -8.32 1.96
CA PRO C 104 -18.41 -8.88 0.98
C PRO C 104 -18.36 -8.18 -0.36
N CYS C 105 -17.74 -7.00 -0.40
CA CYS C 105 -17.66 -6.24 -1.66
C CYS C 105 -17.11 -7.13 -2.83
N GLY C 106 -16.40 -8.24 -2.51
CA GLY C 106 -16.01 -9.27 -3.50
C GLY C 106 -17.05 -10.35 -3.79
N ARG C 113 -20.23 -3.02 -9.30
CA ARG C 113 -21.52 -3.71 -9.42
C ARG C 113 -22.31 -3.90 -8.10
N VAL C 114 -23.59 -4.21 -8.20
CA VAL C 114 -24.46 -4.40 -7.07
C VAL C 114 -24.17 -5.68 -6.30
N TRP C 115 -24.02 -5.56 -4.99
CA TRP C 115 -23.91 -6.72 -4.12
C TRP C 115 -24.81 -6.62 -2.88
N TRP C 116 -25.18 -7.78 -2.35
CA TRP C 116 -25.95 -7.89 -1.08
C TRP C 116 -25.38 -9.01 -0.22
N ASP C 117 -25.28 -8.74 1.09
CA ASP C 117 -24.90 -9.76 2.03
C ASP C 117 -25.57 -9.54 3.40
N SER C 118 -25.83 -10.63 4.11
CA SER C 118 -26.47 -10.56 5.47
C SER C 118 -25.46 -10.95 6.50
N SER C 119 -25.32 -10.21 7.57
CA SER C 119 -24.51 -10.73 8.63
C SER C 119 -25.43 -11.06 9.86
N PHE C 120 -25.26 -12.27 10.42
CA PHE C 120 -25.97 -12.71 11.58
C PHE C 120 -25.11 -13.06 12.76
N LEU C 121 -25.47 -12.59 13.93
CA LEU C 121 -24.73 -12.82 15.18
C LEU C 121 -25.70 -13.29 16.22
N GLY C 122 -25.32 -14.31 16.99
CA GLY C 122 -26.06 -14.68 18.13
C GLY C 122 -25.17 -15.34 19.17
N GLY C 123 -25.56 -15.23 20.42
CA GLY C 123 -24.78 -15.84 21.51
C GLY C 123 -25.34 -15.53 22.87
N VAL C 124 -24.98 -16.33 23.87
CA VAL C 124 -25.41 -16.12 25.25
C VAL C 124 -24.38 -15.35 26.07
N VAL C 125 -24.84 -14.29 26.69
CA VAL C 125 -24.04 -13.50 27.58
C VAL C 125 -24.75 -13.24 28.86
N HIS C 126 -23.99 -13.02 29.89
CA HIS C 126 -24.58 -12.68 31.15
C HIS C 126 -24.72 -11.17 31.25
N LEU C 127 -25.89 -10.72 31.61
CA LEU C 127 -26.11 -9.30 31.75
C LEU C 127 -26.77 -9.01 33.14
N GLU C 128 -26.33 -7.96 33.76
CA GLU C 128 -26.90 -7.49 35.04
C GLU C 128 -27.90 -6.42 34.78
N ALA C 129 -28.74 -6.17 35.77
CA ALA C 129 -29.67 -5.02 35.66
C ALA C 129 -28.89 -3.76 35.58
N GLY C 130 -29.29 -2.90 34.70
CA GLY C 130 -28.67 -1.67 34.46
C GLY C 130 -27.65 -1.72 33.39
N GLU C 131 -27.26 -2.91 32.92
CA GLU C 131 -26.33 -3.00 31.74
C GLU C 131 -27.12 -2.88 30.46
N GLU C 132 -26.45 -2.53 29.37
CA GLU C 132 -27.11 -2.36 28.14
C GLU C 132 -26.28 -3.06 27.07
N VAL C 133 -26.95 -3.29 25.92
CA VAL C 133 -26.37 -3.88 24.76
C VAL C 133 -26.71 -3.02 23.57
N VAL C 134 -25.73 -2.72 22.71
CA VAL C 134 -25.91 -1.95 21.46
C VAL C 134 -25.29 -2.64 20.32
N VAL C 135 -25.82 -2.36 19.15
CA VAL C 135 -25.28 -2.84 17.92
C VAL C 135 -24.54 -1.75 17.16
N ARG C 136 -23.35 -2.04 16.64
CA ARG C 136 -22.61 -1.07 15.78
C ARG C 136 -22.22 -1.74 14.51
N VAL C 137 -22.39 -1.06 13.37
CA VAL C 137 -21.79 -1.50 12.11
C VAL C 137 -20.80 -0.41 11.57
N LEU C 138 -19.64 -0.84 11.12
CA LEU C 138 -18.58 0.05 10.50
C LEU C 138 -18.19 -0.65 9.18
N ASP C 139 -18.59 -0.15 8.00
CA ASP C 139 -19.28 1.11 7.84
C ASP C 139 -20.78 1.01 7.76
N GLU C 140 -21.37 1.86 8.55
CA GLU C 140 -22.79 1.86 8.87
C GLU C 140 -23.67 2.11 7.69
N ARG C 141 -23.16 2.84 6.72
CA ARG C 141 -23.97 3.25 5.60
C ARG C 141 -24.28 2.14 4.63
N LEU C 142 -23.57 1.03 4.70
CA LEU C 142 -23.88 -0.17 3.90
C LEU C 142 -25.14 -0.93 4.46
N VAL C 143 -25.67 -0.52 5.62
CA VAL C 143 -26.82 -1.18 6.23
C VAL C 143 -28.12 -0.82 5.58
N ASP C 144 -28.87 -1.80 5.17
CA ASP C 144 -30.17 -1.49 4.60
C ASP C 144 -31.18 -1.46 5.78
N TYR C 145 -31.66 -0.30 6.09
CA TYR C 145 -32.52 -0.05 7.21
C TYR C 145 -33.99 0.10 6.67
N THR C 146 -34.20 -0.09 5.35
CA THR C 146 -35.50 0.24 4.74
C THR C 146 -36.59 -0.88 4.93
N LYS C 147 -36.17 -2.08 5.31
CA LYS C 147 -37.09 -3.14 5.49
C LYS C 147 -36.95 -3.77 6.90
N GLU C 148 -38.08 -3.79 7.65
CA GLU C 148 -38.11 -4.22 9.03
C GLU C 148 -37.75 -5.75 9.14
N ASP C 149 -37.98 -6.49 8.10
CA ASP C 149 -37.64 -7.88 8.10
C ASP C 149 -36.14 -8.13 7.84
N ARG C 150 -35.34 -7.08 7.58
CA ARG C 150 -33.99 -7.30 7.11
C ARG C 150 -32.86 -6.95 8.05
N SER C 151 -33.06 -5.97 8.90
CA SER C 151 -32.05 -5.65 9.86
C SER C 151 -32.75 -5.53 11.21
N TYR C 152 -32.17 -6.14 12.23
CA TYR C 152 -32.85 -6.22 13.51
C TYR C 152 -31.90 -6.63 14.59
N PHE C 153 -32.41 -6.54 15.82
CA PHE C 153 -31.65 -6.70 17.04
C PHE C 153 -32.60 -7.15 18.12
N GLY C 154 -32.31 -8.29 18.73
CA GLY C 154 -33.14 -8.77 19.82
C GLY C 154 -32.47 -9.64 20.82
N ALA C 155 -33.28 -10.17 21.79
CA ALA C 155 -32.72 -10.94 22.87
C ALA C 155 -33.81 -11.70 23.62
N PHE C 156 -33.44 -12.79 24.29
CA PHE C 156 -34.37 -13.33 25.27
C PHE C 156 -33.57 -14.02 26.29
N MET C 157 -34.12 -14.06 27.46
CA MET C 157 -33.45 -14.74 28.60
C MET C 157 -33.53 -16.19 28.46
N VAL C 158 -32.44 -16.87 28.77
CA VAL C 158 -32.38 -18.35 28.68
C VAL C 158 -32.05 -19.01 30.04
N VAL D 10 21.10 -4.83 -51.43
CA VAL D 10 20.45 -5.79 -50.48
C VAL D 10 19.89 -5.09 -49.23
N ASN D 11 18.59 -5.24 -48.96
CA ASN D 11 17.92 -4.48 -47.89
C ASN D 11 18.10 -5.21 -46.55
N PRO D 12 18.69 -4.56 -45.54
CA PRO D 12 18.84 -5.21 -44.30
C PRO D 12 17.56 -5.72 -43.69
N ALA D 13 17.62 -6.94 -43.16
CA ALA D 13 16.52 -7.53 -42.42
C ALA D 13 16.98 -8.53 -41.45
N ALA D 14 16.21 -8.79 -40.39
CA ALA D 14 16.51 -9.85 -39.48
C ALA D 14 15.31 -10.28 -38.78
N HIS D 15 15.30 -11.54 -38.36
CA HIS D 15 14.29 -12.06 -37.48
C HIS D 15 14.99 -13.03 -36.50
N LEU D 16 14.96 -12.71 -35.19
CA LEU D 16 15.64 -13.50 -34.20
C LEU D 16 14.62 -14.06 -33.26
N THR D 17 14.89 -15.25 -32.75
CA THR D 17 13.93 -16.04 -32.00
C THR D 17 14.38 -16.38 -30.62
N GLY D 18 13.37 -16.58 -29.80
CA GLY D 18 13.54 -17.10 -28.45
C GLY D 18 14.39 -18.33 -28.43
N ALA D 19 15.28 -18.36 -27.46
CA ALA D 19 16.20 -19.49 -27.35
C ALA D 19 16.34 -19.97 -25.86
N ASN D 20 16.92 -21.16 -25.68
CA ASN D 20 17.13 -21.70 -24.36
C ASN D 20 17.90 -20.72 -23.44
N SER D 21 18.83 -19.97 -24.02
CA SER D 21 19.63 -18.94 -23.30
C SER D 21 18.91 -17.58 -23.17
N SER D 22 17.69 -17.45 -23.64
CA SER D 22 17.12 -16.09 -23.77
C SER D 22 17.04 -15.28 -22.43
N LEU D 23 16.67 -15.95 -21.34
CA LEU D 23 16.41 -15.25 -20.06
C LEU D 23 17.68 -15.37 -19.17
N THR D 24 18.52 -14.34 -19.24
CA THR D 24 19.72 -14.26 -18.38
C THR D 24 19.48 -14.16 -16.86
N GLY D 25 18.36 -13.59 -16.42
CA GLY D 25 18.13 -13.31 -14.96
C GLY D 25 19.01 -12.15 -14.40
N SER D 26 19.77 -11.48 -15.25
CA SER D 26 20.72 -10.47 -14.79
C SER D 26 20.06 -9.03 -14.75
N GLY D 27 18.82 -8.90 -15.26
CA GLY D 27 18.19 -7.57 -15.54
C GLY D 27 18.62 -6.89 -16.85
N GLY D 28 19.54 -7.52 -17.52
CA GLY D 28 19.88 -7.15 -18.86
C GLY D 28 18.86 -7.58 -19.91
N PRO D 29 19.17 -7.28 -21.18
CA PRO D 29 18.41 -7.63 -22.38
C PRO D 29 18.22 -9.10 -22.55
N LEU D 30 17.16 -9.45 -23.22
CA LEU D 30 16.96 -10.86 -23.68
C LEU D 30 18.08 -11.25 -24.67
N LEU D 31 18.40 -12.52 -24.68
CA LEU D 31 19.23 -13.03 -25.78
C LEU D 31 18.33 -13.80 -26.77
N TRP D 32 18.87 -14.01 -27.95
CA TRP D 32 18.10 -14.55 -29.05
C TRP D 32 18.96 -15.50 -29.87
N GLU D 33 18.29 -16.43 -30.56
CA GLU D 33 18.90 -17.25 -31.66
C GLU D 33 18.92 -16.46 -32.98
N THR D 34 19.97 -16.66 -33.75
CA THR D 34 20.17 -15.93 -34.94
C THR D 34 20.37 -16.74 -36.20
N GLN D 35 20.44 -18.05 -36.09
CA GLN D 35 20.68 -18.93 -37.32
C GLN D 35 19.82 -20.20 -37.44
N LEU D 36 19.39 -20.76 -36.35
CA LEU D 36 18.61 -21.97 -36.42
C LEU D 36 17.09 -21.68 -36.62
N GLY D 37 16.45 -22.63 -37.30
CA GLY D 37 15.02 -22.61 -37.60
C GLY D 37 14.63 -21.31 -38.27
N LEU D 38 13.75 -20.55 -37.66
CA LEU D 38 13.25 -19.39 -38.42
C LEU D 38 14.16 -18.15 -38.29
N ALA D 39 15.25 -18.21 -37.48
CA ALA D 39 16.09 -17.05 -37.26
C ALA D 39 17.01 -16.79 -38.43
N PHE D 40 17.26 -15.53 -38.73
CA PHE D 40 18.29 -15.21 -39.73
C PHE D 40 18.68 -13.73 -39.58
N LEU D 41 19.81 -13.46 -40.20
CA LEU D 41 20.37 -12.15 -40.32
C LEU D 41 20.68 -11.91 -41.75
N ARG D 42 20.30 -10.76 -42.30
CA ARG D 42 20.69 -10.36 -43.66
C ARG D 42 21.06 -8.89 -43.64
N GLY D 43 22.35 -8.58 -43.59
CA GLY D 43 22.85 -7.18 -43.66
C GLY D 43 22.69 -6.47 -42.29
N LEU D 44 22.46 -7.22 -41.23
CA LEU D 44 22.53 -6.78 -39.89
C LEU D 44 23.41 -7.74 -39.13
N SER D 45 23.91 -7.35 -37.93
CA SER D 45 24.66 -8.25 -37.07
C SER D 45 24.04 -8.39 -35.72
N TYR D 46 24.65 -9.24 -34.88
CA TYR D 46 24.15 -9.49 -33.57
C TYR D 46 25.33 -9.62 -32.60
N HIS D 47 25.15 -9.11 -31.41
CA HIS D 47 26.19 -9.14 -30.42
C HIS D 47 25.58 -9.09 -29.02
N ASP D 48 25.57 -10.22 -28.34
CA ASP D 48 25.12 -10.29 -26.93
C ASP D 48 23.76 -9.75 -26.71
N GLY D 49 22.81 -10.15 -27.58
CA GLY D 49 21.45 -9.73 -27.44
C GLY D 49 21.04 -8.57 -28.31
N ALA D 50 22.00 -7.83 -28.83
CA ALA D 50 21.72 -6.69 -29.63
C ALA D 50 21.76 -6.98 -31.07
N LEU D 51 20.78 -6.48 -31.83
CA LEU D 51 20.97 -6.30 -33.26
C LEU D 51 21.91 -5.09 -33.46
N VAL D 52 22.90 -5.25 -34.29
CA VAL D 52 23.94 -4.24 -34.51
C VAL D 52 23.73 -3.81 -35.94
N VAL D 53 23.56 -2.52 -36.15
CA VAL D 53 23.32 -1.94 -37.42
C VAL D 53 24.63 -1.65 -38.12
N THR D 54 24.69 -1.98 -39.41
CA THR D 54 25.87 -1.68 -40.20
C THR D 54 25.53 -0.73 -41.32
N LYS D 55 24.29 -0.71 -41.77
CA LYS D 55 23.93 0.35 -42.73
C LYS D 55 22.95 1.34 -42.12
N ALA D 56 23.33 2.63 -42.10
CA ALA D 56 22.54 3.66 -41.46
C ALA D 56 21.22 3.84 -42.18
N GLY D 57 20.14 4.12 -41.45
CA GLY D 57 18.86 4.45 -42.07
C GLY D 57 17.71 4.23 -41.10
N TYR D 58 16.52 4.25 -41.66
CA TYR D 58 15.30 4.11 -40.95
C TYR D 58 14.95 2.64 -41.06
N TYR D 59 14.69 2.06 -39.90
CA TYR D 59 14.32 0.71 -39.77
C TYR D 59 13.02 0.56 -39.13
N TYR D 60 12.20 -0.40 -39.60
CA TYR D 60 11.00 -0.83 -38.83
C TYR D 60 11.52 -1.93 -37.94
N ILE D 61 11.38 -1.79 -36.63
CA ILE D 61 11.82 -2.76 -35.65
C ILE D 61 10.57 -3.35 -34.97
N TYR D 62 10.63 -4.59 -34.55
CA TYR D 62 9.48 -5.21 -33.91
C TYR D 62 9.90 -6.25 -32.97
N SER D 63 9.01 -6.59 -32.06
CA SER D 63 9.28 -7.71 -31.21
C SER D 63 8.00 -8.14 -30.68
N LYS D 64 7.86 -9.44 -30.47
CA LYS D 64 6.70 -10.02 -29.82
C LYS D 64 7.17 -10.90 -28.72
N VAL D 65 6.58 -10.80 -27.53
CA VAL D 65 6.89 -11.75 -26.49
C VAL D 65 5.61 -12.41 -26.04
N GLN D 66 5.67 -13.72 -25.84
CA GLN D 66 4.58 -14.46 -25.29
C GLN D 66 4.80 -14.49 -23.82
N LEU D 67 3.79 -14.08 -23.09
CA LEU D 67 3.80 -13.95 -21.70
C LEU D 67 2.84 -14.98 -21.18
N GLY D 68 3.11 -15.44 -19.98
CA GLY D 68 2.21 -16.36 -19.34
C GLY D 68 2.66 -16.58 -17.91
N GLY D 69 1.73 -16.98 -17.06
CA GLY D 69 2.06 -17.49 -15.71
C GLY D 69 0.85 -17.99 -14.91
N VAL D 70 1.05 -18.23 -13.62
CA VAL D 70 0.05 -18.77 -12.70
C VAL D 70 -0.19 -17.76 -11.62
N GLY D 71 -1.40 -17.19 -11.53
CA GLY D 71 -1.69 -16.09 -10.56
C GLY D 71 -0.79 -14.88 -10.76
N CYS D 72 -0.43 -14.18 -9.66
CA CYS D 72 0.53 -13.05 -9.72
C CYS D 72 1.65 -13.19 -8.69
N ALA D 77 5.01 -5.78 -9.28
CA ALA D 77 5.27 -6.65 -10.43
C ALA D 77 4.01 -7.41 -10.93
N SER D 78 2.83 -6.84 -10.71
CA SER D 78 1.65 -7.17 -11.53
C SER D 78 1.72 -6.51 -12.96
N THR D 79 2.63 -5.56 -13.12
CA THR D 79 2.80 -4.84 -14.35
C THR D 79 4.05 -5.34 -15.10
N ILE D 80 3.87 -5.67 -16.37
CA ILE D 80 4.94 -6.08 -17.27
C ILE D 80 5.25 -4.98 -18.21
N THR D 81 6.54 -4.69 -18.35
CA THR D 81 7.05 -3.74 -19.34
C THR D 81 7.82 -4.50 -20.40
N HIS D 82 7.49 -4.28 -21.64
CA HIS D 82 8.15 -4.89 -22.77
C HIS D 82 8.61 -3.77 -23.59
N GLY D 83 9.90 -3.71 -23.88
CA GLY D 83 10.42 -2.65 -24.76
C GLY D 83 11.64 -2.89 -25.58
N LEU D 84 11.79 -2.03 -26.54
CA LEU D 84 12.90 -2.01 -27.43
C LEU D 84 13.65 -0.73 -27.15
N TYR D 85 14.99 -0.82 -27.09
CA TYR D 85 15.85 0.28 -26.54
C TYR D 85 17.05 0.35 -27.46
N LYS D 86 17.57 1.56 -27.64
CA LYS D 86 18.74 1.76 -28.46
C LYS D 86 19.97 1.88 -27.59
N ARG D 87 21.11 1.38 -28.08
CA ARG D 87 22.40 1.68 -27.42
C ARG D 87 23.30 2.36 -28.41
N THR D 88 23.91 3.46 -28.01
CA THR D 88 24.82 4.16 -28.86
C THR D 88 26.10 4.35 -28.01
N PRO D 89 27.27 4.26 -28.65
CA PRO D 89 28.48 4.64 -27.92
C PRO D 89 28.54 6.11 -27.49
N ARG D 90 27.64 6.96 -27.95
CA ARG D 90 27.70 8.39 -27.67
C ARG D 90 27.00 8.72 -26.40
N TYR D 91 26.36 7.77 -25.71
CA TYR D 91 25.70 8.13 -24.47
C TYR D 91 25.71 6.94 -23.57
N PRO D 92 25.99 7.10 -22.28
CA PRO D 92 26.24 5.92 -21.47
C PRO D 92 25.02 5.28 -20.83
N GLU D 93 23.86 5.47 -21.43
CA GLU D 93 22.65 4.87 -20.94
C GLU D 93 21.77 4.51 -22.16
N GLU D 94 21.03 3.44 -22.05
CA GLU D 94 20.08 3.01 -23.09
C GLU D 94 19.03 4.08 -23.34
N LEU D 95 18.52 4.19 -24.57
CA LEU D 95 17.45 5.16 -24.92
C LEU D 95 16.14 4.40 -25.31
N GLU D 96 15.00 4.77 -24.76
CA GLU D 96 13.78 4.05 -25.03
C GLU D 96 13.28 4.31 -26.43
N LEU D 97 12.83 3.28 -27.12
CA LEU D 97 12.27 3.48 -28.47
C LEU D 97 10.79 3.22 -28.49
N LEU D 98 10.35 2.03 -28.06
CA LEU D 98 9.01 1.56 -28.20
C LEU D 98 8.80 0.71 -26.99
N VAL D 99 7.86 1.04 -26.13
CA VAL D 99 7.68 0.35 -24.88
C VAL D 99 6.19 0.11 -24.67
N SER D 100 5.84 -1.02 -24.09
CA SER D 100 4.49 -1.23 -23.63
C SER D 100 4.46 -1.66 -22.22
N GLN D 101 3.40 -1.28 -21.49
CA GLN D 101 3.11 -1.77 -20.18
C GLN D 101 1.81 -2.51 -20.22
N GLN D 102 1.73 -3.64 -19.54
CA GLN D 102 0.56 -4.52 -19.64
C GLN D 102 0.37 -5.09 -18.21
N SER D 103 -0.86 -5.33 -17.82
CA SER D 103 -1.12 -5.97 -16.54
C SER D 103 -2.04 -7.16 -16.77
N PRO D 104 -1.50 -8.25 -17.27
CA PRO D 104 -2.33 -9.32 -17.74
C PRO D 104 -2.64 -10.35 -16.67
N CYS D 105 -2.01 -10.30 -15.50
CA CYS D 105 -2.35 -11.24 -14.44
C CYS D 105 -3.88 -11.21 -14.16
N GLY D 106 -4.56 -10.10 -14.50
CA GLY D 106 -6.04 -10.08 -14.55
C GLY D 106 -6.64 -10.51 -15.90
N ARG D 113 -4.29 -18.83 -10.74
CA ARG D 113 -4.50 -19.70 -11.89
C ARG D 113 -4.01 -19.13 -13.26
N VAL D 114 -3.91 -20.04 -14.23
CA VAL D 114 -3.19 -19.85 -15.51
C VAL D 114 -3.73 -18.78 -16.46
N TRP D 115 -2.82 -17.98 -16.99
CA TRP D 115 -3.11 -16.93 -17.98
C TRP D 115 -1.99 -16.88 -19.07
N TRP D 116 -2.36 -16.32 -20.22
CA TRP D 116 -1.44 -16.13 -21.35
C TRP D 116 -1.80 -14.80 -21.99
N ASP D 117 -0.78 -14.06 -22.39
CA ASP D 117 -1.02 -12.84 -23.16
C ASP D 117 0.23 -12.66 -24.00
N SER D 118 0.09 -11.98 -25.11
CA SER D 118 1.20 -11.78 -25.98
C SER D 118 1.31 -10.23 -26.14
N SER D 119 2.53 -9.69 -26.23
CA SER D 119 2.71 -8.27 -26.39
C SER D 119 3.51 -8.10 -27.66
N PHE D 120 3.04 -7.23 -28.56
CA PHE D 120 3.68 -6.92 -29.79
C PHE D 120 4.02 -5.41 -29.88
N LEU D 121 5.18 -5.08 -30.45
CA LEU D 121 5.66 -3.73 -30.58
C LEU D 121 6.20 -3.68 -31.92
N GLY D 122 5.89 -2.60 -32.66
CA GLY D 122 6.58 -2.28 -33.88
C GLY D 122 6.62 -0.75 -34.11
N GLY D 123 7.58 -0.29 -34.87
CA GLY D 123 7.72 1.14 -35.12
C GLY D 123 8.94 1.41 -35.93
N VAL D 124 8.96 2.53 -36.62
CA VAL D 124 10.11 2.94 -37.44
C VAL D 124 11.06 3.89 -36.65
N VAL D 125 12.34 3.56 -36.61
CA VAL D 125 13.34 4.37 -35.92
C VAL D 125 14.59 4.58 -36.78
N HIS D 126 15.31 5.65 -36.49
CA HIS D 126 16.54 5.97 -37.23
C HIS D 126 17.70 5.36 -36.48
N LEU D 127 18.62 4.69 -37.17
CA LEU D 127 19.69 4.06 -36.50
C LEU D 127 20.94 4.29 -37.34
N GLU D 128 22.03 4.68 -36.70
CA GLU D 128 23.31 4.91 -37.40
C GLU D 128 24.07 3.63 -37.46
N ALA D 129 25.04 3.51 -38.37
CA ALA D 129 25.98 2.41 -38.25
C ALA D 129 26.60 2.37 -36.87
N GLY D 130 26.68 1.17 -36.31
CA GLY D 130 27.33 0.96 -35.06
C GLY D 130 26.37 1.02 -33.91
N GLU D 131 25.19 1.57 -34.11
CA GLU D 131 24.23 1.51 -33.00
C GLU D 131 23.56 0.17 -32.91
N GLU D 132 22.98 -0.07 -31.77
CA GLU D 132 22.41 -1.36 -31.44
C GLU D 132 20.94 -1.19 -30.95
N VAL D 133 20.17 -2.25 -31.11
CA VAL D 133 18.88 -2.34 -30.49
C VAL D 133 18.75 -3.58 -29.65
N VAL D 134 18.14 -3.46 -28.47
CA VAL D 134 17.85 -4.58 -27.64
C VAL D 134 16.43 -4.61 -27.16
N VAL D 135 16.02 -5.78 -26.69
CA VAL D 135 14.73 -5.96 -26.03
C VAL D 135 14.90 -6.26 -24.59
N ARG D 136 14.05 -5.69 -23.76
CA ARG D 136 13.96 -6.00 -22.34
C ARG D 136 12.53 -6.20 -21.94
N VAL D 137 12.30 -7.18 -21.09
CA VAL D 137 11.04 -7.42 -20.43
C VAL D 137 11.30 -7.52 -18.93
N LEU D 138 10.45 -6.88 -18.15
CA LEU D 138 10.48 -6.86 -16.67
C LEU D 138 9.07 -7.16 -16.17
N ASP D 139 8.77 -8.31 -15.59
CA ASP D 139 9.70 -9.28 -15.27
C ASP D 139 9.79 -10.37 -16.35
N GLU D 140 11.03 -10.56 -16.70
CA GLU D 140 11.60 -11.53 -17.63
C GLU D 140 11.06 -12.91 -17.54
N ARG D 141 10.85 -13.35 -16.30
CA ARG D 141 10.41 -14.70 -15.98
C ARG D 141 9.03 -15.08 -16.52
N LEU D 142 8.24 -14.10 -16.89
CA LEU D 142 6.91 -14.34 -17.45
C LEU D 142 7.00 -14.59 -18.97
N VAL D 143 8.19 -14.44 -19.55
CA VAL D 143 8.35 -14.66 -20.96
C VAL D 143 8.49 -16.18 -21.31
N ASP D 144 7.69 -16.65 -22.24
CA ASP D 144 7.85 -18.03 -22.74
C ASP D 144 8.83 -17.99 -23.93
N TYR D 145 9.98 -18.58 -23.70
CA TYR D 145 11.08 -18.63 -24.63
C TYR D 145 11.15 -20.04 -25.25
N THR D 146 10.20 -20.91 -24.88
CA THR D 146 10.34 -22.34 -25.23
C THR D 146 9.91 -22.69 -26.66
N LYS D 147 9.45 -21.67 -27.38
CA LYS D 147 8.87 -21.83 -28.69
C LYS D 147 9.29 -20.68 -29.62
N GLU D 148 9.98 -21.02 -30.70
CA GLU D 148 10.56 -19.97 -31.52
C GLU D 148 9.52 -19.12 -32.24
N ASP D 149 8.31 -19.62 -32.34
CA ASP D 149 7.26 -18.90 -33.05
C ASP D 149 6.59 -17.89 -32.11
N ARG D 150 6.90 -17.94 -30.81
CA ARG D 150 6.13 -17.06 -29.90
C ARG D 150 6.81 -15.85 -29.31
N SER D 151 8.14 -15.86 -29.24
CA SER D 151 8.93 -14.70 -28.84
C SER D 151 10.00 -14.46 -29.81
N TYR D 152 10.09 -13.23 -30.28
CA TYR D 152 10.98 -12.91 -31.34
C TYR D 152 11.27 -11.41 -31.42
N PHE D 153 12.25 -11.04 -32.25
CA PHE D 153 12.75 -9.71 -32.35
C PHE D 153 13.31 -9.58 -33.73
N GLY D 154 12.89 -8.60 -34.50
CA GLY D 154 13.47 -8.41 -35.82
C GLY D 154 13.42 -6.99 -36.32
N ALA D 155 13.85 -6.82 -37.55
CA ALA D 155 13.85 -5.51 -38.16
C ALA D 155 14.02 -5.58 -39.63
N PHE D 156 13.73 -4.48 -40.30
CA PHE D 156 14.13 -4.30 -41.71
C PHE D 156 14.19 -2.85 -42.06
N MET D 157 15.03 -2.55 -43.02
CA MET D 157 15.15 -1.18 -43.45
C MET D 157 13.99 -0.83 -44.36
N VAL D 158 13.49 0.40 -44.19
CA VAL D 158 12.37 0.96 -44.95
C VAL D 158 12.77 2.24 -45.66
C1 NAG E . 30.38 10.56 -13.97
C2 NAG E . 28.83 10.76 -13.94
C3 NAG E . 28.52 12.20 -14.38
C4 NAG E . 29.53 13.22 -13.80
C5 NAG E . 31.05 12.82 -13.69
C6 NAG E . 32.00 13.59 -12.67
C7 NAG E . 27.21 8.87 -14.50
C8 NAG E . 26.73 7.97 -15.63
N2 NAG E . 28.17 9.79 -14.86
O3 NAG E . 27.13 12.41 -14.09
O4 NAG E . 29.29 14.50 -14.43
O5 NAG E . 30.96 11.50 -13.16
O6 NAG E . 33.47 13.63 -12.82
O7 NAG E . 26.69 8.65 -13.38
C1 NAG E . 28.49 15.31 -13.51
C2 NAG E . 28.86 16.79 -13.67
C3 NAG E . 27.88 17.73 -12.99
C4 NAG E . 26.40 17.36 -13.18
C5 NAG E . 26.13 15.84 -13.02
C6 NAG E . 24.72 15.31 -13.48
C7 NAG E . 31.23 17.22 -14.12
C8 NAG E . 32.61 17.48 -13.54
N2 NAG E . 30.23 17.05 -13.23
O3 NAG E . 28.14 18.94 -13.65
O4 NAG E . 25.59 18.11 -12.29
O5 NAG E . 27.11 15.17 -13.79
O6 NAG E . 24.30 15.83 -14.76
O7 NAG E . 31.10 17.18 -15.37
C1 BMA E . 25.10 19.37 -12.90
C2 BMA E . 23.74 19.70 -12.26
C3 BMA E . 23.17 21.00 -12.88
C4 BMA E . 24.20 22.16 -12.92
C5 BMA E . 25.52 21.69 -13.58
C6 BMA E . 26.56 22.84 -13.68
O2 BMA E . 23.99 19.73 -10.86
O3 BMA E . 21.78 21.28 -12.51
O4 BMA E . 23.78 23.30 -13.69
O5 BMA E . 25.94 20.54 -12.83
O6 BMA E . 27.79 22.55 -14.40
C1 MAN E . 21.17 21.26 -11.22
C2 MAN E . 20.34 19.98 -10.95
C3 MAN E . 19.34 20.12 -9.75
C4 MAN E . 19.08 21.58 -9.44
C5 MAN E . 19.00 22.33 -10.77
C6 MAN E . 18.43 23.76 -10.60
O2 MAN E . 21.07 18.78 -10.82
O3 MAN E . 19.69 19.46 -8.54
O4 MAN E . 17.90 21.69 -8.67
O5 MAN E . 20.29 22.36 -11.37
O6 MAN E . 17.80 24.21 -11.77
C1 NAG F . -7.84 10.05 34.15
C2 NAG F . -6.71 9.05 33.92
C3 NAG F . -6.31 8.48 35.28
C4 NAG F . -5.97 9.58 36.31
C5 NAG F . -6.83 10.86 36.31
C6 NAG F . -5.96 12.04 36.93
C7 NAG F . -6.43 7.59 31.90
C8 NAG F . -6.84 6.39 31.10
N2 NAG F . -7.06 7.89 33.07
O3 NAG F . -5.28 7.50 35.11
O4 NAG F . -6.00 9.05 37.62
O5 NAG F . -7.47 11.11 35.03
O6 NAG F . -6.06 13.39 36.47
O7 NAG F . -5.54 8.25 31.39
C1 NAG F . -4.69 8.55 38.03
C2 NAG F . -4.54 8.60 39.56
C3 NAG F . -3.09 8.17 39.89
C4 NAG F . -2.74 6.79 39.28
C5 NAG F . -3.08 6.78 37.78
C6 NAG F . -2.85 5.43 37.07
C7 NAG F . -5.97 10.51 40.41
C8 NAG F . -5.94 11.89 41.00
N2 NAG F . -4.79 9.92 40.13
O3 NAG F . -2.86 8.19 41.30
O4 NAG F . -1.38 6.39 39.52
O5 NAG F . -4.42 7.23 37.56
O6 NAG F . -2.94 4.34 37.98
O7 NAG F . -7.07 10.01 40.22
MG MG G . 14.81 -3.83 -7.32
MG MG H . -11.18 7.66 11.41
#